data_9L3Z
#
_entry.id   9L3Z
#
_cell.length_a   1.00
_cell.length_b   1.00
_cell.length_c   1.00
_cell.angle_alpha   90.00
_cell.angle_beta   90.00
_cell.angle_gamma   90.00
#
_symmetry.space_group_name_H-M   'P 1'
#
loop_
_entity.id
_entity.type
_entity.pdbx_description
1 polymer 'The heavy chain of anti-BRIL Fab'
2 polymer 'The light chain of anti-BRIL Fab'
3 polymer 'Chemerin-like receptor 1,Soluble cytochrome b562'
4 polymer LRH7-C2
#
loop_
_entity_poly.entity_id
_entity_poly.type
_entity_poly.pdbx_seq_one_letter_code
_entity_poly.pdbx_strand_id
1 'polypeptide(L)'
;EISEVQLVESGGGLVQPGGSLRLSCAASGFNVVDFSLHWVRQAPGKGLEWVAYISSSSGSTSYADSVKGRFTISADTSKN
TAYLQMNSLRAEDTAVYYCARWGYWPGEPWWKAFDYWGQGTLVTVSSASTKGPSVFPLAPSSKSTSGGTAALGCLVKDYF
PEPVTVSWNSGALTSGVHTFPAVLQSSGLYSLSSVVTVPSSSLGTQTYICNVNHKPSNTKVDKKVEPKSGPISTINPCLE
VLFQGPHHHHHH
;
H
2 'polypeptide(L)'
;SDIQMTQSPSSLSASVGDRVTITCRASQSVSSAVAWYQQKPGKAPKLLIYSASSLYSGVPSRFSGSRSGTDFTLTISSLQ
PEDFATYYCQQYLYYSLVTFGQGTKVEIKRTVAAPSVFIFPPSDSQLKSGTASVVCLLNNFYPREAKVQWKVDNALQSGN
SQESVTEQDSKDSTYSLSSTLTLSKADYEKHKVYACEVTHQGLSSPVTKSFNRGEC
;
L
3 'polypeptide(L)'
;MRMEDEDYNTSISYGDEYPDYLDSIVVLEDLSPLEARVTRIFLVVVYSIVCFLGILGNGLVIIIATFKMKKTVNMVWFLN
LAVADFLFNVFLPIHITYAAMDYHWVFGTAMCKISNFLLIHNMFTSVFLLTIISSDRCISVLLPVWSQNHRSVRLAYMAC
MVIWVLAFFLSSPSLVFRDTANLHGKISCFNNFSLSTPGSSSWPTHSQMDPVGYSRHMVVTVTRFLCGFLVPVLIITACY
LTIVCKLQRNARRQLADLEDNWETLNDNLKVIEKADNAAQVKDALTKMRAAALDAQKATPPKLEDKSPDSPEMKDFRHGF
DILVGQIDDALKLANEGKVKEAQAAAEQLKTTRNAYIQKYLERARSTLTKKPDKIIVTIIITFFLCWCPYHTLNLLELHH
TAMPGSVFSLGLPLATALAIANSCMNPILYVFMGQDFKKFKVALFSRLVNALEFLEVLFQGPWSHPQFEKGGGSGGGSGG
SAWSHPQFEKDYKDDDDK
;
A
4 'polypeptide(L)' H(DTR)NTVVS C
#
# COMPACT_ATOMS: atom_id res chain seq x y z
N GLU A 4 1.41 28.49 -11.48
CA GLU A 4 1.38 27.31 -10.63
C GLU A 4 0.74 27.63 -9.29
N VAL A 5 0.59 26.61 -8.45
CA VAL A 5 0.05 26.81 -7.11
C VAL A 5 1.12 27.43 -6.22
N GLN A 6 0.76 28.50 -5.53
CA GLN A 6 1.71 29.23 -4.71
C GLN A 6 0.95 29.94 -3.59
N LEU A 7 1.33 29.66 -2.34
CA LEU A 7 0.66 30.24 -1.19
C LEU A 7 1.61 31.20 -0.47
N VAL A 8 1.07 32.32 0.00
CA VAL A 8 1.85 33.36 0.67
C VAL A 8 1.14 33.72 1.97
N GLU A 9 1.90 33.79 3.06
CA GLU A 9 1.39 34.20 4.36
C GLU A 9 2.07 35.48 4.79
N SER A 10 1.41 36.21 5.70
CA SER A 10 1.95 37.45 6.23
C SER A 10 1.30 37.71 7.58
N GLY A 11 1.66 38.84 8.19
CA GLY A 11 1.08 39.24 9.46
C GLY A 11 1.69 38.58 10.68
N GLY A 12 2.81 37.89 10.54
CA GLY A 12 3.44 37.22 11.67
C GLY A 12 4.51 38.10 12.31
N GLY A 13 4.46 38.17 13.63
CA GLY A 13 5.42 38.99 14.36
C GLY A 13 5.10 39.02 15.83
N LEU A 14 5.77 39.93 16.54
CA LEU A 14 5.59 40.06 17.97
C LEU A 14 4.17 40.49 18.31
N VAL A 15 3.56 39.81 19.27
CA VAL A 15 2.19 40.10 19.70
C VAL A 15 2.17 40.11 21.22
N GLN A 16 1.59 41.15 21.81
CA GLN A 16 1.40 41.21 23.24
C GLN A 16 0.37 40.15 23.66
N PRO A 17 0.59 39.46 24.80
CA PRO A 17 -0.37 38.46 25.25
C PRO A 17 -1.74 39.08 25.52
N GLY A 18 -2.74 38.60 24.79
CA GLY A 18 -4.08 39.16 24.83
C GLY A 18 -4.41 40.09 23.68
N GLY A 19 -3.50 40.26 22.73
CA GLY A 19 -3.73 41.12 21.58
C GLY A 19 -4.42 40.41 20.45
N SER A 20 -4.41 41.06 19.28
CA SER A 20 -5.06 40.55 18.09
C SER A 20 -4.09 40.52 16.93
N LEU A 21 -4.29 39.58 16.02
CA LEU A 21 -3.44 39.43 14.84
C LEU A 21 -4.29 38.98 13.67
N ARG A 22 -3.72 39.11 12.47
CA ARG A 22 -4.40 38.76 11.24
C ARG A 22 -3.39 38.21 10.25
N LEU A 23 -3.58 36.96 9.84
CA LEU A 23 -2.69 36.29 8.91
C LEU A 23 -3.41 36.10 7.58
N SER A 24 -2.81 36.60 6.50
CA SER A 24 -3.42 36.59 5.19
C SER A 24 -2.77 35.50 4.34
N CYS A 25 -3.52 34.43 4.07
CA CYS A 25 -3.02 33.32 3.25
C CYS A 25 -3.34 33.62 1.79
N ALA A 26 -2.52 34.47 1.18
CA ALA A 26 -2.65 34.74 -0.25
C ALA A 26 -2.25 33.50 -1.04
N ALA A 27 -3.07 33.15 -2.03
CA ALA A 27 -2.88 31.92 -2.79
C ALA A 27 -3.17 32.20 -4.26
N SER A 28 -2.13 32.49 -5.02
CA SER A 28 -2.27 32.67 -6.46
C SER A 28 -2.36 31.30 -7.13
N GLY A 29 -2.59 31.32 -8.44
CA GLY A 29 -2.71 30.09 -9.19
C GLY A 29 -4.13 29.56 -9.18
N PHE A 30 -4.41 28.62 -8.29
CA PHE A 30 -5.75 28.06 -8.15
C PHE A 30 -6.69 29.11 -7.55
N ASN A 31 -7.95 28.72 -7.36
CA ASN A 31 -8.96 29.58 -6.77
C ASN A 31 -9.38 29.03 -5.41
N VAL A 32 -9.64 29.94 -4.48
CA VAL A 32 -10.07 29.54 -3.14
C VAL A 32 -11.39 28.77 -3.21
N VAL A 33 -12.24 29.10 -4.18
CA VAL A 33 -13.50 28.38 -4.35
C VAL A 33 -13.24 26.91 -4.65
N ASP A 34 -12.20 26.62 -5.43
CA ASP A 34 -11.94 25.24 -5.83
C ASP A 34 -11.53 24.36 -4.66
N PHE A 35 -10.77 24.89 -3.72
CA PHE A 35 -10.16 24.07 -2.68
C PHE A 35 -10.25 24.75 -1.32
N SER A 36 -10.46 23.95 -0.28
CA SER A 36 -10.47 24.47 1.07
C SER A 36 -9.06 24.82 1.52
N LEU A 37 -8.98 25.64 2.57
CA LEU A 37 -7.70 26.11 3.09
C LEU A 37 -7.63 25.84 4.58
N HIS A 38 -6.80 24.88 4.98
CA HIS A 38 -6.64 24.48 6.36
C HIS A 38 -5.41 25.14 6.96
N TRP A 39 -5.53 25.61 8.19
CA TRP A 39 -4.43 26.26 8.90
C TRP A 39 -3.84 25.28 9.90
N VAL A 40 -2.57 24.94 9.71
CA VAL A 40 -1.85 24.00 10.56
C VAL A 40 -0.70 24.73 11.21
N ARG A 41 -0.61 24.65 12.54
CA ARG A 41 0.43 25.35 13.28
C ARG A 41 1.38 24.34 13.92
N GLN A 42 2.64 24.74 14.05
CA GLN A 42 3.70 23.88 14.58
C GLN A 42 4.42 24.65 15.68
N ALA A 43 4.17 24.26 16.93
CA ALA A 43 4.87 24.87 18.04
C ALA A 43 6.37 24.59 17.92
N PRO A 44 7.22 25.54 18.33
CA PRO A 44 8.67 25.36 18.16
C PRO A 44 9.18 24.16 18.97
N GLY A 45 9.72 23.18 18.25
CA GLY A 45 10.23 21.98 18.87
C GLY A 45 9.24 20.85 19.04
N LYS A 46 8.04 20.97 18.49
CA LYS A 46 7.03 19.93 18.62
C LYS A 46 6.49 19.59 17.24
N GLY A 47 5.53 18.66 17.20
CA GLY A 47 4.93 18.24 15.96
C GLY A 47 3.85 19.19 15.47
N LEU A 48 3.40 18.93 14.26
CA LEU A 48 2.34 19.74 13.65
C LEU A 48 1.02 19.51 14.38
N GLU A 49 0.20 20.56 14.40
CA GLU A 49 -1.09 20.53 15.06
C GLU A 49 -2.11 21.27 14.21
N TRP A 50 -3.30 20.70 14.06
CA TRP A 50 -4.36 21.31 13.26
C TRP A 50 -5.07 22.39 14.07
N VAL A 51 -5.51 23.44 13.37
CA VAL A 51 -6.11 24.59 14.04
C VAL A 51 -7.53 24.85 13.53
N ALA A 52 -7.68 25.15 12.25
CA ALA A 52 -8.98 25.53 11.71
C ALA A 52 -8.96 25.33 10.20
N TYR A 53 -10.16 25.25 9.62
CA TYR A 53 -10.29 25.11 8.19
C TYR A 53 -11.46 25.97 7.70
N ILE A 54 -11.38 26.36 6.43
CA ILE A 54 -12.41 27.15 5.77
C ILE A 54 -12.62 26.58 4.37
N SER A 55 -13.88 26.47 3.96
CA SER A 55 -14.24 26.00 2.63
C SER A 55 -15.16 27.06 2.01
N SER A 56 -14.58 27.93 1.18
CA SER A 56 -15.31 29.10 0.68
C SER A 56 -16.44 28.75 -0.28
N SER A 57 -16.51 27.51 -0.76
CA SER A 57 -17.59 27.14 -1.67
C SER A 57 -18.94 27.26 -0.99
N SER A 58 -19.05 26.81 0.25
CA SER A 58 -20.29 26.93 1.01
C SER A 58 -20.10 27.65 2.34
N GLY A 59 -19.04 27.36 3.07
CA GLY A 59 -18.79 27.95 4.37
C GLY A 59 -19.13 26.98 5.49
N SER A 60 -18.11 26.34 6.06
CA SER A 60 -18.31 25.35 7.11
C SER A 60 -17.18 25.41 8.12
N THR A 61 -16.83 26.62 8.57
CA THR A 61 -15.70 26.78 9.48
C THR A 61 -15.88 25.93 10.72
N SER A 62 -14.80 25.24 11.12
CA SER A 62 -14.83 24.41 12.32
C SER A 62 -13.41 24.33 12.86
N TYR A 63 -13.15 25.02 13.96
CA TYR A 63 -11.82 25.12 14.52
C TYR A 63 -11.52 23.91 15.40
N ALA A 64 -10.27 23.83 15.86
CA ALA A 64 -9.89 22.78 16.78
C ALA A 64 -10.54 23.00 18.14
N ASP A 65 -10.52 21.95 18.96
CA ASP A 65 -11.19 22.01 20.26
C ASP A 65 -10.57 23.07 21.16
N SER A 66 -9.23 23.15 21.17
CA SER A 66 -8.55 24.05 22.09
C SER A 66 -8.70 25.52 21.69
N VAL A 67 -8.96 25.82 20.43
CA VAL A 67 -9.01 27.19 19.94
C VAL A 67 -10.42 27.57 19.49
N LYS A 68 -11.42 26.76 19.81
CA LYS A 68 -12.78 27.06 19.41
C LYS A 68 -13.27 28.35 20.06
N GLY A 69 -13.87 29.21 19.26
CA GLY A 69 -14.40 30.49 19.72
C GLY A 69 -13.41 31.63 19.69
N ARG A 70 -12.18 31.40 20.16
CA ARG A 70 -11.18 32.46 20.18
C ARG A 70 -10.83 32.91 18.77
N PHE A 71 -10.54 31.96 17.87
CA PHE A 71 -10.18 32.30 16.51
C PHE A 71 -11.43 32.57 15.68
N THR A 72 -11.23 33.22 14.53
CA THR A 72 -12.32 33.51 13.62
C THR A 72 -11.74 33.50 12.20
N ILE A 73 -11.88 32.38 11.53
CA ILE A 73 -11.32 32.21 10.18
C ILE A 73 -12.29 32.78 9.16
N SER A 74 -11.75 33.27 8.05
CA SER A 74 -12.55 33.87 6.99
C SER A 74 -11.84 33.66 5.67
N ALA A 75 -12.60 33.76 4.58
CA ALA A 75 -12.03 33.62 3.25
C ALA A 75 -12.77 34.55 2.30
N ASP A 76 -12.02 35.14 1.37
CA ASP A 76 -12.58 36.02 0.34
C ASP A 76 -12.07 35.57 -1.02
N THR A 77 -13.01 35.22 -1.91
CA THR A 77 -12.61 34.79 -3.25
C THR A 77 -12.14 35.97 -4.09
N SER A 78 -12.67 37.16 -3.84
CA SER A 78 -12.26 38.34 -4.60
C SER A 78 -10.79 38.67 -4.41
N LYS A 79 -10.20 38.25 -3.29
CA LYS A 79 -8.78 38.47 -3.03
C LYS A 79 -7.98 37.18 -2.96
N ASN A 80 -8.62 36.03 -3.14
CA ASN A 80 -7.96 34.72 -3.11
C ASN A 80 -7.15 34.53 -1.83
N THR A 81 -7.76 34.89 -0.70
CA THR A 81 -7.11 34.85 0.59
C THR A 81 -8.01 34.13 1.60
N ALA A 82 -7.39 33.65 2.68
CA ALA A 82 -8.10 33.01 3.78
C ALA A 82 -7.52 33.54 5.09
N TYR A 83 -8.11 34.61 5.59
CA TYR A 83 -7.61 35.23 6.81
C TYR A 83 -7.94 34.38 8.03
N LEU A 84 -7.15 34.57 9.09
CA LEU A 84 -7.35 33.87 10.37
C LEU A 84 -7.25 34.91 11.48
N GLN A 85 -8.38 35.51 11.83
CA GLN A 85 -8.42 36.50 12.89
C GLN A 85 -8.00 35.89 14.22
N MET A 86 -7.14 36.60 14.94
CA MET A 86 -6.65 36.16 16.24
C MET A 86 -7.27 37.04 17.32
N ASN A 87 -7.85 36.41 18.33
CA ASN A 87 -8.49 37.14 19.43
C ASN A 87 -8.07 36.52 20.75
N SER A 88 -7.76 37.37 21.73
CA SER A 88 -7.35 36.92 23.07
C SER A 88 -6.19 35.93 22.98
N LEU A 89 -5.16 36.31 22.23
CA LEU A 89 -4.01 35.44 22.02
C LEU A 89 -3.28 35.20 23.33
N ARG A 90 -2.86 33.95 23.54
CA ARG A 90 -2.19 33.54 24.76
C ARG A 90 -0.70 33.31 24.50
N ALA A 91 0.02 33.00 25.58
CA ALA A 91 1.45 32.75 25.50
C ALA A 91 1.78 31.33 25.06
N GLU A 92 0.80 30.44 25.02
CA GLU A 92 1.02 29.07 24.57
C GLU A 92 0.60 28.85 23.12
N ASP A 93 0.23 29.91 22.41
CA ASP A 93 -0.18 29.82 21.02
C ASP A 93 0.94 30.22 20.06
N THR A 94 2.15 30.41 20.55
CA THR A 94 3.27 30.74 19.67
C THR A 94 3.65 29.53 18.85
N ALA A 95 3.76 29.72 17.54
CA ALA A 95 4.04 28.63 16.60
C ALA A 95 4.31 29.23 15.24
N VAL A 96 4.59 28.36 14.28
CA VAL A 96 4.71 28.74 12.88
C VAL A 96 3.45 28.25 12.18
N TYR A 97 2.63 29.18 11.70
CA TYR A 97 1.32 28.84 11.15
C TYR A 97 1.42 28.62 9.64
N TYR A 98 1.21 27.39 9.21
CA TYR A 98 1.17 27.05 7.79
C TYR A 98 -0.27 27.14 7.28
N CYS A 99 -0.41 27.34 5.98
CA CYS A 99 -1.70 27.39 5.32
C CYS A 99 -1.73 26.29 4.27
N ALA A 100 -2.51 25.25 4.53
CA ALA A 100 -2.55 24.07 3.68
C ALA A 100 -3.70 24.16 2.68
N ARG A 101 -3.75 23.19 1.77
CA ARG A 101 -4.80 23.08 0.78
C ARG A 101 -5.38 21.67 0.83
N TRP A 102 -6.62 21.53 0.37
CA TRP A 102 -7.27 20.23 0.36
C TRP A 102 -8.37 20.22 -0.67
N GLY A 103 -8.61 19.04 -1.27
CA GLY A 103 -9.57 18.90 -2.33
C GLY A 103 -10.99 18.80 -1.84
N TYR A 104 -11.88 18.50 -2.77
CA TYR A 104 -13.31 18.35 -2.50
C TYR A 104 -13.77 16.96 -2.89
N TRP A 105 -14.53 16.32 -2.01
CA TRP A 105 -15.18 15.06 -2.34
C TRP A 105 -16.16 15.27 -3.49
N PRO A 106 -16.24 14.33 -4.43
CA PRO A 106 -15.51 13.07 -4.53
C PRO A 106 -14.33 13.14 -5.48
N GLY A 107 -13.64 12.03 -5.68
CA GLY A 107 -12.59 11.95 -6.68
C GLY A 107 -11.20 12.00 -6.08
N GLU A 108 -10.24 12.18 -6.97
CA GLU A 108 -8.84 12.23 -6.57
C GLU A 108 -8.48 13.39 -5.63
N PRO A 109 -8.95 14.63 -5.85
CA PRO A 109 -8.45 15.74 -5.01
C PRO A 109 -8.67 15.53 -3.52
N TRP A 110 -9.77 14.90 -3.11
CA TRP A 110 -9.99 14.62 -1.69
C TRP A 110 -8.96 13.64 -1.16
N TRP A 111 -8.63 12.60 -1.94
CA TRP A 111 -7.74 11.56 -1.44
C TRP A 111 -6.32 12.09 -1.25
N LYS A 112 -5.96 13.15 -1.97
CA LYS A 112 -4.69 13.82 -1.72
C LYS A 112 -4.84 14.75 -0.53
N ALA A 113 -3.99 14.55 0.47
CA ALA A 113 -4.06 15.32 1.70
C ALA A 113 -3.42 16.68 1.48
N PHE A 114 -3.11 17.39 2.57
CA PHE A 114 -2.46 18.69 2.48
C PHE A 114 -1.17 18.57 1.67
N ASP A 115 -1.17 19.13 0.47
CA ASP A 115 -0.07 18.92 -0.47
C ASP A 115 0.70 20.21 -0.77
N TYR A 116 0.02 21.29 -1.11
CA TYR A 116 0.67 22.56 -1.41
C TYR A 116 0.63 23.44 -0.17
N TRP A 117 1.49 23.11 0.80
CA TRP A 117 1.62 23.91 1.99
C TRP A 117 2.25 25.26 1.67
N GLY A 118 1.85 26.28 2.42
CA GLY A 118 2.47 27.58 2.30
C GLY A 118 3.80 27.64 3.03
N GLN A 119 4.49 28.77 2.86
CA GLN A 119 5.77 28.95 3.53
C GLN A 119 5.61 28.97 5.04
N GLY A 120 4.60 29.67 5.55
CA GLY A 120 4.36 29.73 6.97
C GLY A 120 5.11 30.87 7.65
N THR A 121 4.37 31.76 8.29
CA THR A 121 4.96 32.89 9.01
C THR A 121 4.72 32.71 10.50
N LEU A 122 5.80 32.77 11.27
CA LEU A 122 5.72 32.50 12.70
C LEU A 122 5.04 33.64 13.44
N VAL A 123 4.33 33.29 14.50
CA VAL A 123 3.76 34.25 15.44
C VAL A 123 4.28 33.92 16.83
N THR A 124 4.80 34.94 17.52
CA THR A 124 5.36 34.76 18.85
C THR A 124 4.63 35.65 19.83
N VAL A 125 4.50 35.16 21.06
CA VAL A 125 3.81 35.88 22.14
C VAL A 125 4.72 35.91 23.35
N SER A 126 5.02 37.11 23.84
CA SER A 126 5.82 37.29 25.04
C SER A 126 5.49 38.62 25.67
N SER A 127 5.80 38.74 26.96
CA SER A 127 5.51 39.94 27.74
C SER A 127 6.74 40.82 27.92
N ALA A 128 7.81 40.58 27.17
CA ALA A 128 9.05 41.33 27.29
C ALA A 128 9.31 42.12 26.02
N SER A 129 9.95 43.28 26.19
CA SER A 129 10.26 44.15 25.07
C SER A 129 11.51 43.65 24.36
N THR A 130 12.06 44.45 23.45
CA THR A 130 13.25 44.10 22.68
C THR A 130 14.45 44.85 23.23
N LYS A 131 15.46 44.12 23.65
CA LYS A 131 16.68 44.69 24.22
C LYS A 131 17.90 44.07 23.55
N GLY A 132 18.95 44.87 23.42
CA GLY A 132 20.18 44.42 22.82
C GLY A 132 20.90 43.41 23.69
N PRO A 133 21.61 42.48 23.05
CA PRO A 133 22.36 41.48 23.83
C PRO A 133 23.51 42.12 24.60
N SER A 134 23.83 41.52 25.73
CA SER A 134 24.94 41.95 26.59
C SER A 134 26.02 40.87 26.50
N VAL A 135 26.95 41.05 25.55
CA VAL A 135 27.96 40.05 25.29
C VAL A 135 28.97 40.04 26.44
N PHE A 136 29.23 38.84 26.99
CA PHE A 136 30.17 38.69 28.08
C PHE A 136 31.38 37.89 27.59
N PRO A 137 32.58 38.46 27.66
CA PRO A 137 33.76 37.71 27.21
C PRO A 137 33.94 36.44 28.03
N LEU A 138 34.34 35.37 27.34
CA LEU A 138 34.45 34.03 27.94
C LEU A 138 35.89 33.56 27.81
N ALA A 139 36.57 33.45 28.94
CA ALA A 139 37.95 33.02 28.93
C ALA A 139 38.05 31.55 28.53
N PRO A 140 39.15 31.15 27.90
CA PRO A 140 39.34 29.74 27.56
C PRO A 140 39.78 28.93 28.78
N SER A 141 39.86 27.62 28.59
CA SER A 141 40.26 26.71 29.65
C SER A 141 41.71 26.96 30.07
N THR A 149 44.48 21.52 23.51
CA THR A 149 43.39 22.29 22.93
C THR A 149 42.82 23.29 23.94
N ALA A 150 42.24 24.37 23.42
CA ALA A 150 41.67 25.42 24.27
C ALA A 150 40.47 26.01 23.55
N ALA A 151 39.28 25.57 23.93
CA ALA A 151 38.06 26.09 23.33
C ALA A 151 37.87 27.56 23.70
N LEU A 152 37.56 28.38 22.70
CA LEU A 152 37.38 29.80 22.88
C LEU A 152 36.03 30.23 22.33
N GLY A 153 35.36 31.12 23.04
CA GLY A 153 34.06 31.59 22.61
C GLY A 153 33.59 32.75 23.45
N CYS A 154 32.32 33.11 23.25
CA CYS A 154 31.71 34.18 24.03
C CYS A 154 30.21 33.93 24.10
N LEU A 155 29.57 34.56 25.09
CA LEU A 155 28.18 34.30 25.42
C LEU A 155 27.40 35.60 25.41
N VAL A 156 26.12 35.50 25.04
CA VAL A 156 25.21 36.63 25.01
C VAL A 156 24.00 36.32 25.88
N LYS A 157 23.38 37.37 26.42
CA LYS A 157 22.24 37.20 27.31
C LYS A 157 21.27 38.36 27.13
N ASP A 158 20.01 38.10 27.46
CA ASP A 158 18.97 39.13 27.57
C ASP A 158 18.79 39.89 26.25
N TYR A 159 18.37 39.15 25.22
CA TYR A 159 18.06 39.75 23.93
C TYR A 159 16.70 39.25 23.46
N PHE A 160 16.08 40.03 22.58
CA PHE A 160 14.77 39.74 22.03
C PHE A 160 14.58 40.57 20.77
N PRO A 161 13.94 40.04 19.72
CA PRO A 161 13.36 38.69 19.56
C PRO A 161 14.35 37.65 19.04
N GLU A 162 13.81 36.58 18.44
CA GLU A 162 14.62 35.46 17.94
C GLU A 162 15.80 35.86 17.08
N PRO A 163 15.67 36.73 16.04
CA PRO A 163 16.78 36.90 15.10
C PRO A 163 18.05 37.49 15.71
N VAL A 164 19.13 36.71 15.68
CA VAL A 164 20.44 37.16 16.10
C VAL A 164 21.47 36.18 15.55
N THR A 165 22.66 36.69 15.25
CA THR A 165 23.74 35.85 14.75
C THR A 165 25.07 36.38 15.28
N VAL A 166 26.02 35.47 15.41
CA VAL A 166 27.36 35.79 15.89
C VAL A 166 28.35 35.52 14.76
N SER A 167 29.07 36.56 14.35
CA SER A 167 30.11 36.45 13.34
C SER A 167 31.47 36.52 14.02
N TRP A 168 32.32 35.54 13.74
CA TRP A 168 33.61 35.42 14.40
C TRP A 168 34.70 35.97 13.48
N ASN A 169 35.46 36.92 13.99
CA ASN A 169 36.54 37.57 13.25
C ASN A 169 36.05 38.17 11.93
N GLY A 176 36.17 25.69 13.03
CA GLY A 176 35.27 24.91 13.86
C GLY A 176 34.56 25.72 14.92
N VAL A 177 33.62 26.56 14.49
CA VAL A 177 32.86 27.43 15.37
C VAL A 177 31.43 26.91 15.44
N HIS A 178 30.87 26.88 16.65
CA HIS A 178 29.52 26.41 16.88
C HIS A 178 28.65 27.55 17.39
N THR A 179 27.35 27.46 17.07
CA THR A 179 26.36 28.44 17.55
C THR A 179 25.11 27.63 17.90
N PHE A 180 24.93 27.36 19.20
CA PHE A 180 23.85 26.53 19.65
C PHE A 180 22.51 27.28 19.54
N PRO A 181 21.41 26.56 19.36
CA PRO A 181 20.11 27.25 19.23
C PRO A 181 19.75 28.01 20.49
N ALA A 182 19.03 29.12 20.30
CA ALA A 182 18.62 29.95 21.42
C ALA A 182 17.62 29.21 22.30
N VAL A 183 17.82 29.30 23.61
CA VAL A 183 16.96 28.65 24.60
C VAL A 183 16.24 29.71 25.41
N LEU A 184 14.92 29.61 25.47
CA LEU A 184 14.12 30.58 26.20
C LEU A 184 14.35 30.46 27.70
N GLN A 185 14.51 31.60 28.36
CA GLN A 185 14.74 31.66 29.79
C GLN A 185 13.43 31.87 30.54
N SER A 186 13.46 31.51 31.83
CA SER A 186 12.26 31.65 32.66
C SER A 186 11.86 33.11 32.86
N SER A 187 12.74 34.05 32.55
CA SER A 187 12.46 35.48 32.70
C SER A 187 11.87 36.09 31.44
N GLY A 188 11.63 35.30 30.40
CA GLY A 188 11.07 35.80 29.17
C GLY A 188 12.09 36.23 28.12
N LEU A 189 13.37 36.18 28.44
CA LEU A 189 14.42 36.55 27.50
C LEU A 189 15.08 35.29 26.94
N TYR A 190 16.11 35.49 26.12
CA TYR A 190 16.82 34.41 25.46
C TYR A 190 18.26 34.37 25.93
N SER A 191 18.99 33.35 25.48
CA SER A 191 20.40 33.20 25.79
C SER A 191 21.03 32.29 24.74
N LEU A 192 22.14 32.74 24.17
CA LEU A 192 22.85 32.02 23.12
C LEU A 192 24.33 32.04 23.40
N SER A 193 25.01 30.96 23.00
CA SER A 193 26.45 30.83 23.21
C SER A 193 27.13 30.49 21.90
N SER A 194 28.44 30.64 21.89
CA SER A 194 29.25 30.25 20.73
C SER A 194 30.65 29.92 21.19
N VAL A 195 31.35 29.10 20.42
CA VAL A 195 32.69 28.66 20.76
C VAL A 195 33.38 28.18 19.50
N VAL A 196 34.67 28.47 19.38
CA VAL A 196 35.50 28.00 18.27
C VAL A 196 36.64 27.17 18.84
N THR A 197 36.86 25.98 18.28
CA THR A 197 37.87 25.06 18.78
C THR A 197 39.23 25.45 18.20
N VAL A 198 39.82 26.48 18.80
CA VAL A 198 41.14 26.96 18.38
C VAL A 198 42.21 26.14 19.09
N PRO A 199 43.14 25.52 18.35
CA PRO A 199 44.22 24.71 18.93
C PRO A 199 45.13 25.51 19.85
N TYR A 208 41.52 37.57 18.36
CA TYR A 208 40.14 37.09 18.19
C TYR A 208 39.15 38.09 18.77
N ILE A 209 38.05 38.31 18.06
CA ILE A 209 37.03 39.26 18.48
C ILE A 209 35.66 38.62 18.31
N CYS A 210 34.68 39.13 19.06
CA CYS A 210 33.31 38.65 19.02
C CYS A 210 32.41 39.74 18.45
N ASN A 211 31.65 39.40 17.42
CA ASN A 211 30.69 40.30 16.82
C ASN A 211 29.29 39.70 16.95
N VAL A 212 28.31 40.55 17.28
CA VAL A 212 26.92 40.15 17.37
C VAL A 212 26.09 41.07 16.47
N ASN A 213 25.24 40.47 15.65
CA ASN A 213 24.38 41.21 14.73
C ASN A 213 22.94 41.02 15.18
N HIS A 214 22.37 42.06 15.79
CA HIS A 214 20.99 42.06 16.25
C HIS A 214 20.26 43.15 15.45
N LYS A 215 19.69 42.75 14.32
CA LYS A 215 19.03 43.72 13.44
C LYS A 215 17.85 44.45 14.09
N PRO A 216 16.93 43.80 14.83
CA PRO A 216 15.82 44.56 15.42
C PRO A 216 16.28 45.68 16.34
N SER A 217 17.36 45.48 17.10
CA SER A 217 17.85 46.49 18.03
C SER A 217 19.18 47.09 17.60
N ASN A 218 19.59 46.88 16.35
CA ASN A 218 20.76 47.46 15.70
C ASN A 218 21.97 47.65 16.62
N THR A 219 22.31 46.61 17.38
CA THR A 219 23.47 46.61 18.26
C THR A 219 24.57 45.75 17.65
N LYS A 220 25.78 46.28 17.62
CA LYS A 220 26.95 45.59 17.05
C LYS A 220 28.13 45.71 17.99
N VAL A 221 27.90 45.42 19.28
CA VAL A 221 28.95 45.53 20.29
C VAL A 221 30.00 44.45 20.04
N ASP A 222 31.27 44.82 20.22
CA ASP A 222 32.40 43.94 19.99
C ASP A 222 32.97 43.50 21.33
N LYS A 223 33.26 42.20 21.46
CA LYS A 223 33.82 41.62 22.66
C LYS A 223 35.17 40.99 22.35
N LYS A 224 36.16 41.29 23.19
CA LYS A 224 37.51 40.76 23.03
C LYS A 224 37.70 39.59 24.00
N VAL A 225 38.05 38.44 23.46
CA VAL A 225 38.31 37.24 24.25
C VAL A 225 39.80 36.96 24.25
N GLU A 226 40.37 36.78 25.45
CA GLU A 226 41.80 36.56 25.59
C GLU A 226 42.05 35.86 26.91
N PRO A 227 42.92 34.83 26.93
CA PRO A 227 43.27 34.12 28.17
C PRO A 227 43.99 35.02 29.17
N ASP B 2 -10.37 13.75 16.96
CA ASP B 2 -10.95 13.04 18.08
C ASP B 2 -10.22 11.72 18.33
N ILE B 3 -9.48 11.26 17.32
CA ILE B 3 -8.76 10.00 17.40
C ILE B 3 -7.32 10.29 17.77
N GLN B 4 -6.64 9.25 18.28
CA GLN B 4 -5.25 9.35 18.70
C GLN B 4 -4.38 8.56 17.73
N MET B 5 -3.28 9.16 17.30
CA MET B 5 -2.38 8.56 16.33
C MET B 5 -0.98 8.50 16.93
N THR B 6 -0.38 7.31 16.93
CA THR B 6 0.87 7.07 17.63
C THR B 6 1.92 6.52 16.68
N GLN B 7 3.18 6.88 16.95
CA GLN B 7 4.34 6.36 16.22
C GLN B 7 5.38 5.98 17.25
N SER B 8 5.58 4.68 17.47
CA SER B 8 6.61 4.23 18.41
C SER B 8 8.02 4.63 18.00
N PRO B 9 8.46 4.48 16.73
CA PRO B 9 9.85 4.88 16.43
C PRO B 9 10.00 6.38 16.17
N SER B 10 10.08 7.15 17.26
CA SER B 10 10.14 8.60 17.17
C SER B 10 11.55 9.13 17.04
N SER B 11 12.56 8.27 16.96
CA SER B 11 13.95 8.72 16.81
C SER B 11 14.73 7.59 16.15
N LEU B 12 15.11 7.77 14.89
CA LEU B 12 15.83 6.76 14.13
C LEU B 12 17.26 7.23 13.88
N SER B 13 18.19 6.29 13.95
CA SER B 13 19.62 6.55 13.75
C SER B 13 20.17 5.66 12.65
N ALA B 14 19.47 5.63 11.52
CA ALA B 14 19.92 4.83 10.39
C ALA B 14 21.11 5.49 9.70
N SER B 15 21.78 4.71 8.85
CA SER B 15 22.94 5.17 8.10
C SER B 15 22.59 5.27 6.62
N VAL B 16 23.60 5.61 5.83
CA VAL B 16 23.40 5.77 4.39
C VAL B 16 23.15 4.41 3.76
N GLY B 17 22.12 4.32 2.92
CA GLY B 17 21.77 3.09 2.24
C GLY B 17 20.94 2.11 3.06
N ASP B 18 20.60 2.45 4.30
CA ASP B 18 19.82 1.56 5.13
C ASP B 18 18.33 1.67 4.78
N ARG B 19 17.55 0.71 5.29
CA ARG B 19 16.11 0.69 5.12
C ARG B 19 15.46 1.05 6.45
N VAL B 20 14.49 1.96 6.41
CA VAL B 20 13.81 2.44 7.61
C VAL B 20 12.34 2.06 7.50
N THR B 21 11.81 1.42 8.54
CA THR B 21 10.41 1.07 8.65
C THR B 21 9.81 1.84 9.81
N ILE B 22 8.76 2.61 9.53
CA ILE B 22 8.09 3.44 10.52
C ILE B 22 6.64 2.98 10.61
N THR B 23 6.20 2.67 11.82
CA THR B 23 4.85 2.17 12.05
C THR B 23 3.95 3.30 12.51
N CYS B 24 2.66 3.18 12.18
CA CYS B 24 1.67 4.20 12.51
C CYS B 24 0.34 3.50 12.75
N ARG B 25 -0.23 3.69 13.93
CA ARG B 25 -1.44 2.99 14.35
C ARG B 25 -2.54 4.01 14.66
N ALA B 26 -3.70 3.84 14.03
CA ALA B 26 -4.84 4.72 14.23
C ALA B 26 -5.80 4.09 15.23
N SER B 27 -6.17 4.84 16.26
CA SER B 27 -6.97 4.30 17.35
C SER B 27 -8.35 3.87 16.86
N GLN B 28 -9.06 4.76 16.18
CA GLN B 28 -10.39 4.43 15.68
C GLN B 28 -10.29 3.71 14.33
N SER B 29 -11.42 3.18 13.89
CA SER B 29 -11.49 2.52 12.59
C SER B 29 -11.31 3.58 11.49
N VAL B 30 -10.15 3.59 10.85
CA VAL B 30 -9.84 4.52 9.78
C VAL B 30 -9.50 3.72 8.54
N SER B 31 -10.12 4.06 7.42
CA SER B 31 -9.87 3.37 6.16
C SER B 31 -8.52 3.83 5.61
N SER B 32 -8.20 3.41 4.39
CA SER B 32 -6.90 3.76 3.81
C SER B 32 -6.86 5.25 3.48
N ALA B 33 -6.84 6.08 4.52
CA ALA B 33 -6.96 7.53 4.40
C ALA B 33 -5.94 8.23 5.30
N VAL B 34 -4.68 7.84 5.21
CA VAL B 34 -3.61 8.51 5.93
C VAL B 34 -2.58 9.03 4.92
N ALA B 35 -1.60 9.76 5.43
CA ALA B 35 -0.59 10.38 4.59
C ALA B 35 0.69 10.56 5.39
N TRP B 36 1.79 10.77 4.67
CA TRP B 36 3.09 10.94 5.29
C TRP B 36 3.80 12.16 4.71
N TYR B 37 4.28 13.04 5.59
CA TYR B 37 4.95 14.27 5.20
C TYR B 37 6.41 14.24 5.62
N GLN B 38 7.27 14.80 4.78
CA GLN B 38 8.70 14.92 5.07
C GLN B 38 9.02 16.39 5.25
N GLN B 39 9.34 16.79 6.49
CA GLN B 39 9.64 18.18 6.81
C GLN B 39 11.14 18.35 6.98
N LYS B 40 11.78 18.95 5.99
CA LYS B 40 13.16 19.37 6.15
C LYS B 40 13.23 20.49 7.18
N PRO B 41 14.31 20.56 7.95
CA PRO B 41 14.39 21.58 9.01
C PRO B 41 14.27 22.99 8.45
N GLY B 42 13.47 23.82 9.14
CA GLY B 42 13.24 25.18 8.69
C GLY B 42 12.53 25.30 7.36
N LYS B 43 11.56 24.44 7.11
CA LYS B 43 10.82 24.45 5.86
C LYS B 43 9.45 23.83 6.06
N ALA B 44 8.57 24.08 5.12
CA ALA B 44 7.21 23.53 5.19
C ALA B 44 7.23 22.05 4.85
N PRO B 45 6.36 21.26 5.48
CA PRO B 45 6.27 19.84 5.14
C PRO B 45 5.82 19.63 3.71
N LYS B 46 6.24 18.52 3.13
CA LYS B 46 5.90 18.13 1.78
C LYS B 46 5.26 16.74 1.79
N LEU B 47 4.18 16.58 1.02
CA LEU B 47 3.49 15.30 0.99
C LEU B 47 4.35 14.25 0.28
N LEU B 48 4.38 13.05 0.86
CA LEU B 48 5.14 11.92 0.32
C LEU B 48 4.24 10.80 -0.15
N ILE B 49 3.36 10.30 0.72
CA ILE B 49 2.47 9.19 0.44
C ILE B 49 1.05 9.64 0.76
N TYR B 50 0.11 9.38 -0.14
CA TYR B 50 -1.28 9.68 0.10
C TYR B 50 -2.12 8.42 -0.09
N SER B 51 -3.21 8.34 0.66
CA SER B 51 -4.11 7.20 0.72
C SER B 51 -3.44 5.94 1.24
N ALA B 52 -2.26 6.07 1.87
CA ALA B 52 -1.51 5.02 2.55
C ALA B 52 -0.85 4.03 1.60
N SER B 53 -1.13 4.10 0.32
CA SER B 53 -0.49 3.19 -0.64
C SER B 53 0.10 3.91 -1.83
N SER B 54 -0.55 4.95 -2.33
CA SER B 54 -0.12 5.63 -3.53
C SER B 54 1.14 6.44 -3.29
N LEU B 55 1.62 7.09 -4.35
CA LEU B 55 2.79 7.97 -4.29
C LEU B 55 2.45 9.29 -4.96
N TYR B 56 2.92 10.38 -4.37
CA TYR B 56 2.67 11.69 -4.94
C TYR B 56 3.44 11.87 -6.24
N SER B 57 2.88 12.68 -7.13
CA SER B 57 3.48 12.94 -8.44
C SER B 57 4.73 13.79 -8.24
N GLY B 58 5.90 13.15 -8.27
CA GLY B 58 7.17 13.83 -8.09
C GLY B 58 8.02 13.29 -6.95
N VAL B 59 7.57 12.28 -6.22
CA VAL B 59 8.35 11.70 -5.14
C VAL B 59 9.25 10.60 -5.71
N PRO B 60 10.47 10.44 -5.21
CA PRO B 60 11.30 9.31 -5.65
C PRO B 60 10.64 7.98 -5.30
N SER B 61 10.93 6.97 -6.14
CA SER B 61 10.32 5.66 -5.98
C SER B 61 10.76 4.93 -4.73
N ARG B 62 11.80 5.42 -4.03
CA ARG B 62 12.28 4.73 -2.84
C ARG B 62 11.26 4.75 -1.70
N PHE B 63 10.34 5.72 -1.69
CA PHE B 63 9.33 5.82 -0.64
C PHE B 63 8.11 4.99 -1.02
N SER B 64 7.73 4.07 -0.14
CA SER B 64 6.56 3.23 -0.35
C SER B 64 5.90 2.96 0.99
N GLY B 65 4.60 2.73 0.95
CA GLY B 65 3.82 2.52 2.17
C GLY B 65 2.82 1.39 1.99
N SER B 66 2.46 0.79 3.13
CA SER B 66 1.49 -0.29 3.18
C SER B 66 0.53 -0.03 4.32
N ARG B 67 -0.57 -0.78 4.34
CA ARG B 67 -1.61 -0.59 5.34
C ARG B 67 -1.66 -1.75 6.35
N SER B 68 -1.91 -2.98 5.87
CA SER B 68 -1.96 -4.16 6.72
C SER B 68 -2.82 -3.94 7.97
N GLY B 69 -4.10 -3.67 7.74
CA GLY B 69 -5.04 -3.51 8.84
C GLY B 69 -5.21 -2.07 9.28
N THR B 70 -5.62 -1.86 10.54
CA THR B 70 -5.80 -0.51 11.04
C THR B 70 -4.48 0.23 11.23
N ASP B 71 -3.36 -0.49 11.26
CA ASP B 71 -2.06 0.14 11.35
C ASP B 71 -1.63 0.68 9.98
N PHE B 72 -0.49 1.36 9.95
CA PHE B 72 0.05 1.87 8.71
C PHE B 72 1.57 1.89 8.81
N THR B 73 2.25 1.75 7.68
CA THR B 73 3.69 1.63 7.65
C THR B 73 4.25 2.35 6.42
N LEU B 74 5.43 2.94 6.58
CA LEU B 74 6.16 3.58 5.50
C LEU B 74 7.55 2.97 5.42
N THR B 75 7.94 2.52 4.22
CA THR B 75 9.21 1.86 4.00
C THR B 75 10.03 2.63 2.98
N ILE B 76 11.31 2.83 3.30
CA ILE B 76 12.24 3.55 2.43
C ILE B 76 13.30 2.56 1.97
N SER B 77 13.48 2.44 0.65
CA SER B 77 14.42 1.46 0.12
C SER B 77 15.86 1.89 0.35
N SER B 78 16.17 3.15 0.12
CA SER B 78 17.53 3.66 0.25
C SER B 78 17.50 5.03 0.93
N LEU B 79 18.59 5.36 1.61
CA LEU B 79 18.72 6.62 2.33
C LEU B 79 19.83 7.45 1.69
N GLN B 80 19.46 8.27 0.73
CA GLN B 80 20.42 9.18 0.12
C GLN B 80 20.77 10.29 1.12
N PRO B 81 21.93 10.93 0.97
CA PRO B 81 22.29 12.03 1.88
C PRO B 81 21.29 13.17 1.87
N GLU B 82 20.63 13.42 0.73
CA GLU B 82 19.63 14.48 0.67
C GLU B 82 18.38 14.12 1.48
N ASP B 83 18.06 12.83 1.56
CA ASP B 83 16.86 12.36 2.25
C ASP B 83 17.17 12.13 3.72
N PHE B 84 17.11 13.22 4.49
CA PHE B 84 17.36 13.14 5.93
C PHE B 84 16.59 14.28 6.58
N ALA B 85 15.40 13.98 7.10
CA ALA B 85 14.52 15.00 7.65
C ALA B 85 13.55 14.33 8.63
N THR B 86 12.51 15.06 9.02
CA THR B 86 11.51 14.57 9.96
C THR B 86 10.23 14.18 9.23
N TYR B 87 9.72 12.99 9.53
CA TYR B 87 8.57 12.43 8.84
C TYR B 87 7.37 12.33 9.76
N TYR B 88 6.24 12.87 9.32
CA TYR B 88 5.01 12.93 10.10
C TYR B 88 3.94 12.05 9.48
N CYS B 89 3.24 11.31 10.33
CA CYS B 89 2.13 10.46 9.91
C CYS B 89 0.82 11.17 10.22
N GLN B 90 0.03 11.44 9.19
CA GLN B 90 -1.22 12.18 9.34
C GLN B 90 -2.37 11.37 8.76
N GLN B 91 -3.47 11.29 9.49
CA GLN B 91 -4.70 10.70 8.99
C GLN B 91 -5.64 11.80 8.53
N TYR B 92 -6.66 11.40 7.77
CA TYR B 92 -7.68 12.35 7.34
C TYR B 92 -8.94 11.56 7.00
N LEU B 93 -9.97 11.70 7.83
CA LEU B 93 -11.26 11.08 7.58
C LEU B 93 -12.31 12.10 7.18
N TYR B 94 -12.43 13.19 7.93
CA TYR B 94 -13.24 14.33 7.56
C TYR B 94 -12.35 15.57 7.58
N TYR B 95 -12.93 16.71 7.20
CA TYR B 95 -12.16 17.94 7.19
C TYR B 95 -11.80 18.40 8.61
N SER B 96 -12.64 18.08 9.58
CA SER B 96 -12.46 18.55 10.95
C SER B 96 -11.91 17.48 11.89
N LEU B 97 -11.43 16.36 11.37
CA LEU B 97 -10.94 15.25 12.17
C LEU B 97 -9.51 14.88 11.78
N VAL B 98 -8.72 15.86 11.38
CA VAL B 98 -7.34 15.63 10.98
C VAL B 98 -6.46 15.65 12.21
N THR B 99 -5.73 14.56 12.44
CA THR B 99 -4.80 14.44 13.55
C THR B 99 -3.44 14.01 13.04
N PHE B 100 -2.40 14.70 13.50
CA PHE B 100 -1.04 14.44 13.05
C PHE B 100 -0.30 13.57 14.08
N GLY B 101 0.64 12.77 13.57
CA GLY B 101 1.45 11.95 14.44
C GLY B 101 2.50 12.76 15.17
N GLN B 102 3.14 12.10 16.14
CA GLN B 102 4.16 12.77 16.94
C GLN B 102 5.35 13.19 16.08
N GLY B 103 5.76 12.34 15.16
CA GLY B 103 6.84 12.70 14.26
C GLY B 103 8.03 11.79 14.43
N THR B 104 8.60 11.37 13.30
CA THR B 104 9.79 10.54 13.26
C THR B 104 10.94 11.33 12.68
N LYS B 105 12.06 11.37 13.39
CA LYS B 105 13.25 12.07 12.96
C LYS B 105 14.30 11.05 12.54
N VAL B 106 14.99 11.33 11.43
CA VAL B 106 16.02 10.46 10.90
C VAL B 106 17.34 11.22 10.91
N GLU B 107 18.37 10.63 11.50
CA GLU B 107 19.67 11.25 11.66
C GLU B 107 20.73 10.36 11.02
N ILE B 108 22.00 10.74 11.19
CA ILE B 108 23.12 10.06 10.56
C ILE B 108 23.79 9.16 11.59
N LYS B 109 23.93 7.88 11.25
CA LYS B 109 24.58 6.93 12.14
C LYS B 109 26.09 7.11 12.11
N ARG B 110 26.72 7.01 13.27
CA ARG B 110 28.17 7.07 13.37
C ARG B 110 28.61 6.25 14.57
N THR B 111 29.84 5.76 14.52
CA THR B 111 30.41 5.05 15.65
C THR B 111 30.58 5.99 16.83
N VAL B 112 30.58 5.40 18.04
CA VAL B 112 30.69 6.20 19.25
C VAL B 112 32.03 6.92 19.28
N ALA B 113 32.02 8.13 19.83
CA ALA B 113 33.21 8.97 19.90
C ALA B 113 33.33 9.56 21.31
N ALA B 114 34.56 9.89 21.69
CA ALA B 114 34.82 10.42 23.01
C ALA B 114 34.40 11.88 23.08
N PRO B 115 33.45 12.24 23.95
CA PRO B 115 33.10 13.65 24.10
C PRO B 115 34.23 14.43 24.77
N SER B 116 34.36 15.69 24.37
CA SER B 116 35.33 16.61 24.95
C SER B 116 34.57 17.59 25.83
N VAL B 117 35.01 17.74 27.08
CA VAL B 117 34.33 18.57 28.06
C VAL B 117 35.24 19.73 28.46
N PHE B 118 34.70 20.94 28.39
CA PHE B 118 35.42 22.15 28.78
C PHE B 118 34.57 22.93 29.76
N ILE B 119 35.19 23.39 30.84
CA ILE B 119 34.51 24.19 31.85
C ILE B 119 35.02 25.63 31.74
N PHE B 120 34.09 26.56 31.59
CA PHE B 120 34.42 27.95 31.29
C PHE B 120 34.24 28.80 32.53
N PRO B 121 35.29 29.42 33.06
CA PRO B 121 35.13 30.30 34.21
C PRO B 121 34.22 31.46 33.86
N PRO B 122 33.47 31.97 34.84
CA PRO B 122 32.48 33.02 34.53
C PRO B 122 33.14 34.32 34.14
N SER B 123 32.41 35.11 33.36
CA SER B 123 32.91 36.41 32.92
C SER B 123 32.97 37.39 34.09
N ASP B 124 33.95 38.30 34.03
CA ASP B 124 34.06 39.33 35.05
C ASP B 124 32.86 40.27 35.02
N SER B 125 32.37 40.59 33.82
CA SER B 125 31.22 41.48 33.68
C SER B 125 29.94 40.80 34.14
N ALA B 132 26.48 35.59 38.33
CA ALA B 132 27.49 34.67 37.81
C ALA B 132 26.84 33.62 36.92
N SER B 133 27.60 33.09 35.97
CA SER B 133 27.10 32.07 35.06
C SER B 133 28.26 31.34 34.42
N VAL B 134 28.32 30.02 34.61
CA VAL B 134 29.32 29.18 33.95
C VAL B 134 28.59 28.25 33.00
N VAL B 135 29.31 27.79 31.98
CA VAL B 135 28.75 26.91 30.97
C VAL B 135 29.66 25.69 30.83
N CYS B 136 29.06 24.50 30.91
CA CYS B 136 29.75 23.25 30.63
C CYS B 136 29.61 22.97 29.14
N LEU B 137 30.73 22.75 28.47
CA LEU B 137 30.77 22.61 27.02
C LEU B 137 31.07 21.18 26.63
N LEU B 138 30.26 20.64 25.73
CA LEU B 138 30.56 19.39 25.04
C LEU B 138 30.80 19.70 23.58
N ASN B 139 31.91 19.21 23.04
CA ASN B 139 32.31 19.52 21.67
C ASN B 139 32.65 18.23 20.94
N ASN B 140 32.05 18.06 19.75
CA ASN B 140 32.35 16.95 18.86
C ASN B 140 32.11 15.60 19.54
N PHE B 141 30.86 15.36 19.90
CA PHE B 141 30.46 14.13 20.57
C PHE B 141 29.28 13.50 19.84
N TYR B 142 29.23 12.17 19.87
CA TYR B 142 28.16 11.42 19.22
C TYR B 142 27.93 10.13 19.98
N PRO B 143 26.69 9.66 20.12
CA PRO B 143 25.43 10.28 19.68
C PRO B 143 24.81 11.17 20.75
N ARG B 144 23.53 11.50 20.59
CA ARG B 144 22.85 12.41 21.51
C ARG B 144 22.71 11.86 22.92
N GLU B 145 22.90 10.56 23.11
CA GLU B 145 22.68 9.96 24.43
C GLU B 145 23.80 10.32 25.39
N ALA B 146 23.91 11.61 25.72
CA ALA B 146 24.86 12.08 26.71
C ALA B 146 24.17 13.13 27.57
N LYS B 147 24.26 12.97 28.89
CA LYS B 147 23.62 13.88 29.83
C LYS B 147 24.68 14.48 30.75
N VAL B 148 24.67 15.79 30.88
CA VAL B 148 25.57 16.49 31.79
C VAL B 148 24.82 16.78 33.08
N GLN B 149 25.45 16.45 34.21
CA GLN B 149 24.90 16.74 35.52
C GLN B 149 25.86 17.62 36.30
N TRP B 150 25.30 18.59 37.01
CA TRP B 150 26.10 19.59 37.72
C TRP B 150 26.29 19.22 39.19
N GLN B 162 19.38 24.19 32.45
CA GLN B 162 19.09 24.69 31.11
C GLN B 162 20.22 24.32 30.15
N GLU B 163 19.90 23.49 29.17
CA GLU B 163 20.89 22.99 28.21
C GLU B 163 20.32 23.06 26.81
N SER B 164 21.23 23.11 25.83
CA SER B 164 20.83 23.16 24.43
C SER B 164 21.91 22.49 23.58
N VAL B 165 21.51 21.57 22.73
CA VAL B 165 22.42 20.90 21.81
C VAL B 165 22.23 21.48 20.42
N THR B 166 23.26 21.38 19.60
CA THR B 166 23.19 21.85 18.23
C THR B 166 22.57 20.78 17.34
N GLU B 167 22.17 21.19 16.14
CA GLU B 167 21.74 20.23 15.14
C GLU B 167 22.95 19.42 14.66
N GLN B 168 22.67 18.31 13.99
CA GLN B 168 23.74 17.40 13.57
C GLN B 168 24.72 18.11 12.65
N ASP B 169 25.97 18.21 13.09
CA ASP B 169 26.98 18.93 12.33
C ASP B 169 27.27 18.21 11.01
N SER B 170 27.66 19.00 10.00
CA SER B 170 27.97 18.47 8.69
C SER B 170 29.48 18.49 8.43
N ASP B 172 30.77 16.21 10.28
CA ASP B 172 31.08 14.79 10.34
C ASP B 172 30.07 14.04 11.20
N SER B 173 28.82 14.53 11.21
CA SER B 173 27.72 13.90 11.92
C SER B 173 28.03 13.75 13.42
N THR B 174 28.20 14.90 14.07
CA THR B 174 28.45 14.96 15.50
C THR B 174 27.67 16.12 16.10
N TYR B 175 27.46 16.06 17.40
CA TYR B 175 26.74 17.10 18.13
C TYR B 175 27.70 17.83 19.05
N SER B 176 27.19 18.88 19.71
CA SER B 176 27.98 19.61 20.69
C SER B 176 27.02 20.22 21.71
N LEU B 177 26.87 19.53 22.84
CA LEU B 177 25.98 19.96 23.91
C LEU B 177 26.60 21.13 24.66
N SER B 178 25.74 21.90 25.35
CA SER B 178 26.19 23.06 26.11
C SER B 178 25.27 23.25 27.30
N SER B 179 25.81 23.07 28.50
CA SER B 179 25.06 23.30 29.73
C SER B 179 25.16 24.76 30.14
N THR B 180 24.37 25.12 31.16
CA THR B 180 24.36 26.48 31.68
C THR B 180 23.92 26.45 33.14
N LEU B 181 24.62 27.17 33.98
CA LEU B 181 24.29 27.28 35.40
C LEU B 181 24.28 28.76 35.79
N THR B 182 23.36 29.10 36.69
CA THR B 182 23.23 30.49 37.15
C THR B 182 23.46 30.59 38.65
N TYR B 194 32.64 24.38 42.07
CA TYR B 194 31.78 23.99 40.97
C TYR B 194 32.50 23.01 40.04
N ALA B 195 31.73 22.07 39.48
CA ALA B 195 32.30 21.07 38.58
C ALA B 195 31.18 20.49 37.73
N CYS B 196 31.46 20.28 36.45
CA CYS B 196 30.53 19.67 35.52
C CYS B 196 31.11 18.35 35.03
N GLU B 197 30.26 17.32 34.96
CA GLU B 197 30.68 16.00 34.52
C GLU B 197 29.72 15.48 33.45
N VAL B 198 30.28 14.74 32.51
CA VAL B 198 29.55 14.22 31.36
C VAL B 198 29.70 12.71 31.32
N THR B 199 28.58 12.02 31.14
CA THR B 199 28.55 10.58 30.97
C THR B 199 28.11 10.23 29.56
N HIS B 200 28.70 9.19 28.99
CA HIS B 200 28.42 8.81 27.62
C HIS B 200 28.87 7.37 27.39
N GLN B 201 28.20 6.71 26.44
CA GLN B 201 28.59 5.35 26.09
C GLN B 201 29.97 5.29 25.46
N GLY B 202 30.43 6.39 24.86
CA GLY B 202 31.78 6.46 24.33
C GLY B 202 32.85 6.72 25.36
N LEU B 203 32.47 6.99 26.60
CA LEU B 203 33.40 7.22 27.70
C LEU B 203 33.32 6.05 28.66
N SER B 204 34.48 5.46 28.97
CA SER B 204 34.50 4.33 29.90
C SER B 204 34.01 4.74 31.28
N SER B 205 34.45 5.92 31.75
CA SER B 205 34.01 6.47 33.01
C SER B 205 33.72 7.96 32.84
N PRO B 206 32.78 8.52 33.59
CA PRO B 206 32.52 9.95 33.49
C PRO B 206 33.74 10.78 33.91
N VAL B 207 33.91 11.91 33.25
CA VAL B 207 35.04 12.81 33.50
C VAL B 207 34.51 14.08 34.14
N THR B 208 35.21 14.56 35.17
CA THR B 208 34.81 15.72 35.94
C THR B 208 35.81 16.85 35.73
N LYS B 209 35.31 18.01 35.32
CA LYS B 209 36.12 19.21 35.15
C LYS B 209 35.64 20.26 36.14
N SER B 210 36.58 20.88 36.86
CA SER B 210 36.25 21.84 37.90
C SER B 210 37.14 23.07 37.77
N PHE B 211 36.66 24.19 38.30
CA PHE B 211 37.43 25.42 38.32
C PHE B 211 37.39 26.06 39.70
N VAL C 38 -24.58 -56.80 -40.20
CA VAL C 38 -24.16 -57.66 -39.10
C VAL C 38 -22.90 -57.13 -38.44
N THR C 39 -21.97 -58.03 -38.12
CA THR C 39 -20.70 -57.61 -37.53
C THR C 39 -19.90 -56.74 -38.48
N ARG C 40 -19.87 -57.10 -39.77
CA ARG C 40 -19.15 -56.29 -40.74
C ARG C 40 -19.77 -54.91 -40.89
N ILE C 41 -21.10 -54.82 -40.87
CA ILE C 41 -21.77 -53.54 -41.00
C ILE C 41 -21.42 -52.62 -39.84
N PHE C 42 -21.41 -53.16 -38.62
CA PHE C 42 -21.05 -52.36 -37.45
C PHE C 42 -19.60 -51.89 -37.52
N LEU C 43 -18.70 -52.75 -37.98
CA LEU C 43 -17.30 -52.38 -38.07
C LEU C 43 -17.04 -51.41 -39.22
N VAL C 44 -17.77 -51.55 -40.32
CA VAL C 44 -17.53 -50.71 -41.49
C VAL C 44 -17.84 -49.25 -41.18
N VAL C 45 -18.97 -49.00 -40.50
CA VAL C 45 -19.37 -47.63 -40.19
C VAL C 45 -18.54 -47.00 -39.09
N VAL C 46 -17.70 -47.79 -38.40
CA VAL C 46 -16.88 -47.23 -37.32
C VAL C 46 -15.84 -46.27 -37.89
N TYR C 47 -15.16 -46.67 -38.96
CA TYR C 47 -14.13 -45.81 -39.55
C TYR C 47 -14.73 -44.55 -40.14
N SER C 48 -15.87 -44.68 -40.84
CA SER C 48 -16.50 -43.52 -41.45
C SER C 48 -16.96 -42.51 -40.40
N ILE C 49 -17.56 -43.00 -39.31
CA ILE C 49 -18.01 -42.11 -38.25
C ILE C 49 -16.84 -41.44 -37.55
N VAL C 50 -15.77 -42.21 -37.30
CA VAL C 50 -14.63 -41.67 -36.57
C VAL C 50 -13.87 -40.66 -37.42
N CYS C 51 -13.66 -40.97 -38.70
CA CYS C 51 -12.79 -40.14 -39.53
C CYS C 51 -13.52 -38.93 -40.09
N PHE C 52 -14.63 -39.15 -40.80
CA PHE C 52 -15.31 -38.06 -41.49
C PHE C 52 -15.78 -36.99 -40.52
N LEU C 53 -16.39 -37.39 -39.41
CA LEU C 53 -16.78 -36.42 -38.39
C LEU C 53 -15.57 -35.78 -37.74
N GLY C 54 -14.54 -36.59 -37.44
CA GLY C 54 -13.35 -36.04 -36.80
C GLY C 54 -12.56 -35.10 -37.69
N ILE C 55 -12.36 -35.48 -38.96
CA ILE C 55 -11.52 -34.68 -39.83
C ILE C 55 -12.20 -33.37 -40.21
N LEU C 56 -13.54 -33.32 -40.15
CA LEU C 56 -14.25 -32.08 -40.42
C LEU C 56 -13.89 -31.01 -39.40
N GLY C 57 -13.83 -31.39 -38.12
CA GLY C 57 -13.47 -30.46 -37.07
C GLY C 57 -11.97 -30.37 -36.85
N ASN C 58 -11.23 -31.38 -37.33
CA ASN C 58 -9.78 -31.38 -37.15
C ASN C 58 -9.14 -30.20 -37.89
N GLY C 59 -9.45 -30.05 -39.17
CA GLY C 59 -8.96 -28.89 -39.90
C GLY C 59 -9.56 -27.59 -39.41
N LEU C 60 -10.86 -27.63 -39.05
CA LEU C 60 -11.52 -26.41 -38.57
C LEU C 60 -10.90 -25.92 -37.28
N VAL C 61 -10.57 -26.83 -36.36
CA VAL C 61 -9.95 -26.43 -35.11
C VAL C 61 -8.58 -25.82 -35.36
N ILE C 62 -7.80 -26.41 -36.28
CA ILE C 62 -6.49 -25.86 -36.61
C ILE C 62 -6.64 -24.49 -37.26
N ILE C 63 -7.60 -24.35 -38.17
CA ILE C 63 -7.82 -23.06 -38.84
C ILE C 63 -8.29 -22.02 -37.83
N ILE C 64 -9.20 -22.39 -36.94
CA ILE C 64 -9.69 -21.47 -35.93
C ILE C 64 -8.58 -21.06 -34.98
N ALA C 65 -7.76 -22.02 -34.55
CA ALA C 65 -6.65 -21.71 -33.64
C ALA C 65 -5.62 -20.81 -34.31
N THR C 66 -5.33 -21.04 -35.60
CA THR C 66 -4.40 -20.17 -36.31
C THR C 66 -4.92 -18.75 -36.42
N PHE C 67 -6.21 -18.60 -36.71
CA PHE C 67 -6.82 -17.27 -36.82
C PHE C 67 -7.09 -16.68 -35.44
N MET C 75 -4.62 -19.68 -26.21
CA MET C 75 -5.05 -21.06 -26.34
C MET C 75 -3.94 -21.92 -26.94
N VAL C 76 -2.74 -21.80 -26.37
CA VAL C 76 -1.60 -22.59 -26.84
C VAL C 76 -1.83 -24.06 -26.59
N TRP C 77 -2.35 -24.42 -25.41
CA TRP C 77 -2.59 -25.81 -25.09
C TRP C 77 -3.64 -26.42 -25.99
N PHE C 78 -4.71 -25.68 -26.29
CA PHE C 78 -5.74 -26.19 -27.18
C PHE C 78 -5.20 -26.42 -28.59
N LEU C 79 -4.19 -25.63 -29.00
CA LEU C 79 -3.56 -25.86 -30.29
C LEU C 79 -2.93 -27.25 -30.34
N ASN C 80 -2.37 -27.72 -29.23
CA ASN C 80 -1.86 -29.07 -29.18
C ASN C 80 -2.97 -30.11 -29.36
N LEU C 81 -4.13 -29.87 -28.73
CA LEU C 81 -5.24 -30.81 -28.87
C LEU C 81 -5.70 -30.92 -30.31
N ALA C 82 -5.85 -29.78 -30.99
CA ALA C 82 -6.23 -29.82 -32.40
C ALA C 82 -5.14 -30.48 -33.23
N VAL C 83 -3.88 -30.31 -32.84
CA VAL C 83 -2.79 -30.95 -33.57
C VAL C 83 -2.74 -32.45 -33.26
N ALA C 84 -2.68 -32.80 -31.97
CA ALA C 84 -2.49 -34.19 -31.58
C ALA C 84 -3.63 -35.07 -32.06
N ASP C 85 -4.87 -34.58 -31.94
CA ASP C 85 -6.02 -35.36 -32.41
C ASP C 85 -5.96 -35.55 -33.92
N PHE C 86 -5.35 -34.61 -34.64
CA PHE C 86 -5.32 -34.68 -36.09
C PHE C 86 -4.34 -35.74 -36.59
N LEU C 87 -3.26 -36.01 -35.85
CA LEU C 87 -2.22 -36.91 -36.33
C LEU C 87 -2.75 -38.35 -36.43
N PHE C 88 -3.36 -38.87 -35.36
CA PHE C 88 -3.87 -40.23 -35.41
C PHE C 88 -5.25 -40.32 -36.04
N ASN C 89 -5.89 -39.19 -36.34
CA ASN C 89 -7.11 -39.21 -37.13
C ASN C 89 -6.79 -39.23 -38.63
N VAL C 90 -5.66 -38.65 -39.03
CA VAL C 90 -5.27 -38.66 -40.43
C VAL C 90 -4.85 -40.06 -40.86
N PHE C 91 -4.18 -40.80 -39.98
CA PHE C 91 -3.72 -42.14 -40.31
C PHE C 91 -4.80 -43.21 -40.11
N LEU C 92 -5.94 -42.85 -39.52
CA LEU C 92 -7.03 -43.82 -39.36
C LEU C 92 -7.59 -44.30 -40.69
N PRO C 93 -7.86 -43.44 -41.68
CA PRO C 93 -8.37 -43.96 -42.96
C PRO C 93 -7.39 -44.87 -43.70
N ILE C 94 -6.10 -44.82 -43.36
CA ILE C 94 -5.13 -45.70 -44.01
C ILE C 94 -5.49 -47.16 -43.76
N HIS C 95 -5.85 -47.49 -42.52
CA HIS C 95 -6.36 -48.81 -42.17
C HIS C 95 -7.72 -48.61 -41.52
N ILE C 96 -8.78 -48.84 -42.29
CA ILE C 96 -10.14 -48.52 -41.86
C ILE C 96 -10.62 -49.44 -40.75
N THR C 97 -9.75 -50.37 -40.33
CA THR C 97 -10.10 -51.40 -39.34
C THR C 97 -11.26 -52.26 -39.81
N TYR C 98 -11.53 -52.24 -41.11
CA TYR C 98 -12.53 -53.11 -41.72
C TYR C 98 -11.93 -54.38 -42.28
N ALA C 99 -10.61 -54.56 -42.14
CA ALA C 99 -9.96 -55.77 -42.63
C ALA C 99 -10.08 -56.89 -41.62
N ALA C 100 -11.31 -57.19 -41.20
CA ALA C 100 -11.56 -58.28 -40.26
C ALA C 100 -12.89 -58.98 -40.53
N MET C 101 -13.60 -58.63 -41.60
CA MET C 101 -14.90 -59.19 -41.93
C MET C 101 -15.88 -59.03 -40.78
N VAL C 106 -8.40 -58.75 -43.91
CA VAL C 106 -7.71 -58.88 -45.19
C VAL C 106 -6.27 -59.31 -44.97
N PHE C 107 -5.94 -59.63 -43.72
CA PHE C 107 -4.61 -60.09 -43.33
C PHE C 107 -3.53 -59.06 -43.68
N GLY C 108 -3.89 -57.78 -43.70
CA GLY C 108 -2.97 -56.71 -43.96
C GLY C 108 -2.38 -56.15 -42.67
N THR C 109 -1.85 -54.93 -42.78
CA THR C 109 -1.31 -54.20 -41.63
C THR C 109 -0.29 -55.04 -40.85
N ALA C 110 0.64 -55.67 -41.58
CA ALA C 110 1.61 -56.55 -40.93
C ALA C 110 2.51 -55.78 -39.97
N MET C 111 2.96 -54.59 -40.36
CA MET C 111 3.86 -53.79 -39.54
C MET C 111 3.21 -52.44 -39.23
N CYS C 112 1.88 -52.45 -39.09
CA CYS C 112 1.15 -51.23 -38.78
C CYS C 112 -0.19 -51.62 -38.16
N LYS C 113 -0.79 -50.64 -37.46
CA LYS C 113 -2.10 -50.79 -36.86
C LYS C 113 -2.51 -49.45 -36.26
N ILE C 114 -3.81 -49.24 -36.09
CA ILE C 114 -4.28 -48.07 -35.34
C ILE C 114 -4.15 -48.27 -33.85
N SER C 115 -3.97 -49.50 -33.38
CA SER C 115 -4.04 -49.73 -31.95
C SER C 115 -2.79 -49.21 -31.24
N ASN C 116 -1.64 -49.86 -31.46
CA ASN C 116 -0.49 -49.62 -30.58
C ASN C 116 -0.03 -48.17 -30.64
N PHE C 117 0.53 -47.78 -31.78
CA PHE C 117 1.17 -46.47 -31.87
C PHE C 117 0.16 -45.35 -31.71
N LEU C 118 -0.96 -45.43 -32.43
CA LEU C 118 -1.87 -44.31 -32.47
C LEU C 118 -2.66 -44.16 -31.16
N LEU C 119 -3.16 -45.26 -30.60
CA LEU C 119 -3.87 -45.10 -29.33
C LEU C 119 -2.93 -44.73 -28.20
N ILE C 120 -1.69 -45.23 -28.20
CA ILE C 120 -0.72 -44.81 -27.19
C ILE C 120 -0.44 -43.33 -27.32
N HIS C 121 -0.22 -42.86 -28.55
CA HIS C 121 0.00 -41.44 -28.81
C HIS C 121 -1.18 -40.61 -28.32
N ASN C 122 -2.40 -41.03 -28.64
CA ASN C 122 -3.58 -40.27 -28.27
C ASN C 122 -3.75 -40.20 -26.75
N MET C 123 -3.61 -41.35 -26.08
CA MET C 123 -3.75 -41.37 -24.62
C MET C 123 -2.68 -40.52 -23.96
N PHE C 124 -1.43 -40.64 -24.41
CA PHE C 124 -0.36 -39.86 -23.81
C PHE C 124 -0.59 -38.37 -24.02
N THR C 125 -0.95 -37.96 -25.23
CA THR C 125 -1.20 -36.56 -25.51
C THR C 125 -2.34 -36.02 -24.66
N SER C 126 -3.45 -36.75 -24.59
CA SER C 126 -4.59 -36.29 -23.81
C SER C 126 -4.23 -36.17 -22.34
N VAL C 127 -3.55 -37.17 -21.79
CA VAL C 127 -3.23 -37.15 -20.36
C VAL C 127 -2.26 -36.01 -20.06
N PHE C 128 -1.21 -35.86 -20.86
CA PHE C 128 -0.23 -34.81 -20.62
C PHE C 128 -0.85 -33.43 -20.75
N LEU C 129 -1.66 -33.22 -21.78
CA LEU C 129 -2.27 -31.90 -21.97
C LEU C 129 -3.28 -31.59 -20.88
N LEU C 130 -4.06 -32.58 -20.46
CA LEU C 130 -5.00 -32.37 -19.36
C LEU C 130 -4.26 -32.03 -18.07
N THR C 131 -3.17 -32.73 -17.79
CA THR C 131 -2.37 -32.42 -16.60
C THR C 131 -1.79 -31.02 -16.68
N ILE C 132 -1.30 -30.62 -17.86
CA ILE C 132 -0.72 -29.29 -18.01
C ILE C 132 -1.78 -28.22 -17.81
N ILE C 133 -2.97 -28.39 -18.40
CA ILE C 133 -4.04 -27.41 -18.24
C ILE C 133 -4.48 -27.33 -16.78
N SER C 134 -4.63 -28.49 -16.13
CA SER C 134 -5.04 -28.48 -14.73
C SER C 134 -4.01 -27.79 -13.86
N SER C 135 -2.72 -28.05 -14.10
CA SER C 135 -1.66 -27.41 -13.32
C SER C 135 -1.65 -25.90 -13.56
N ASP C 136 -1.85 -25.48 -14.81
CA ASP C 136 -1.90 -24.05 -15.10
C ASP C 136 -3.05 -23.37 -14.38
N ARG C 137 -4.24 -24.01 -14.41
CA ARG C 137 -5.39 -23.43 -13.71
C ARG C 137 -5.17 -23.39 -12.21
N CYS C 138 -4.58 -24.45 -11.65
CA CYS C 138 -4.30 -24.47 -10.22
C CYS C 138 -3.30 -23.38 -9.83
N ILE C 139 -2.28 -23.17 -10.67
CA ILE C 139 -1.31 -22.11 -10.42
C ILE C 139 -1.98 -20.75 -10.50
N SER C 140 -2.84 -20.55 -11.49
CA SER C 140 -3.54 -19.28 -11.63
C SER C 140 -4.42 -18.99 -10.43
N VAL C 141 -5.12 -20.03 -9.93
CA VAL C 141 -5.92 -19.86 -8.72
C VAL C 141 -5.03 -19.55 -7.52
N LEU C 142 -3.91 -20.26 -7.39
CA LEU C 142 -3.02 -20.11 -6.24
C LEU C 142 -1.88 -19.16 -6.54
N LEU C 143 -2.24 -17.92 -6.92
CA LEU C 143 -1.29 -16.83 -7.10
C LEU C 143 -0.19 -17.18 -8.09
N PRO C 144 -0.48 -17.27 -9.40
CA PRO C 144 0.55 -17.61 -10.37
C PRO C 144 1.62 -16.54 -10.56
N VAL C 145 1.52 -15.40 -9.87
CA VAL C 145 2.49 -14.32 -10.02
C VAL C 145 3.89 -14.71 -9.58
N TRP C 146 4.04 -15.84 -8.90
CA TRP C 146 5.35 -16.34 -8.51
C TRP C 146 5.82 -17.50 -9.37
N SER C 147 4.93 -18.45 -9.69
CA SER C 147 5.31 -19.58 -10.51
C SER C 147 5.56 -19.17 -11.96
N GLN C 148 4.64 -18.38 -12.54
CA GLN C 148 4.74 -17.98 -13.93
C GLN C 148 4.90 -16.47 -14.10
N ASN C 149 4.00 -15.69 -13.49
CA ASN C 149 3.99 -14.23 -13.63
C ASN C 149 3.83 -13.82 -15.10
N HIS C 150 2.75 -14.34 -15.71
CA HIS C 150 2.39 -14.03 -17.10
C HIS C 150 3.49 -14.41 -18.07
N ARG C 151 4.28 -15.44 -17.75
CA ARG C 151 5.33 -15.93 -18.63
C ARG C 151 4.81 -17.10 -19.48
N SER C 152 3.78 -16.81 -20.26
CA SER C 152 3.18 -17.81 -21.13
C SER C 152 3.34 -17.45 -22.61
N ARG C 154 7.27 -17.81 -25.25
CA ARG C 154 8.07 -18.94 -25.74
C ARG C 154 8.28 -19.97 -24.63
N LEU C 155 8.18 -19.52 -23.38
CA LEU C 155 8.34 -20.44 -22.25
C LEU C 155 7.24 -21.49 -22.24
N ALA C 156 6.00 -21.08 -22.49
CA ALA C 156 4.90 -22.05 -22.58
C ALA C 156 4.96 -22.84 -23.88
N TYR C 157 5.51 -22.24 -24.94
CA TYR C 157 5.61 -22.95 -26.22
C TYR C 157 6.54 -24.15 -26.10
N MET C 158 7.64 -24.01 -25.36
CA MET C 158 8.54 -25.13 -25.14
C MET C 158 7.84 -26.25 -24.36
N ALA C 159 7.06 -25.88 -23.35
CA ALA C 159 6.29 -26.87 -22.62
C ALA C 159 5.20 -27.48 -23.49
N CYS C 160 4.58 -26.67 -24.35
CA CYS C 160 3.55 -27.18 -25.25
C CYS C 160 4.12 -28.21 -26.21
N MET C 161 5.30 -27.95 -26.76
CA MET C 161 5.94 -28.93 -27.64
C MET C 161 6.52 -30.10 -26.86
N VAL C 162 6.64 -29.98 -25.53
CA VAL C 162 7.13 -31.08 -24.71
C VAL C 162 6.08 -32.13 -24.42
N ILE C 163 4.82 -31.87 -24.78
CA ILE C 163 3.76 -32.86 -24.58
C ILE C 163 4.05 -34.10 -25.42
N TRP C 164 4.45 -33.91 -26.68
CA TRP C 164 4.90 -35.03 -27.49
C TRP C 164 6.19 -35.62 -26.95
N VAL C 165 7.08 -34.77 -26.43
CA VAL C 165 8.32 -35.26 -25.82
C VAL C 165 8.00 -36.11 -24.60
N LEU C 166 7.08 -35.64 -23.75
CA LEU C 166 6.61 -36.45 -22.65
C LEU C 166 5.84 -37.67 -23.15
N ALA C 167 5.16 -37.52 -24.30
CA ALA C 167 4.50 -38.67 -24.90
C ALA C 167 5.51 -39.66 -25.45
N PHE C 168 6.65 -39.17 -25.95
CA PHE C 168 7.64 -40.05 -26.56
C PHE C 168 8.55 -40.67 -25.50
N PHE C 169 7.95 -41.16 -24.42
CA PHE C 169 8.66 -41.99 -23.44
C PHE C 169 7.88 -43.23 -23.04
N LEU C 170 6.57 -43.26 -23.22
CA LEU C 170 5.75 -44.44 -22.96
C LEU C 170 4.82 -44.79 -24.09
N SER C 171 4.43 -43.84 -24.94
CA SER C 171 3.48 -44.10 -26.00
C SER C 171 4.16 -44.72 -27.22
N SER C 172 5.05 -43.98 -27.86
CA SER C 172 5.79 -44.48 -29.01
C SER C 172 6.82 -45.51 -28.55
N PRO C 173 7.38 -45.35 -27.35
CA PRO C 173 8.36 -46.34 -26.87
C PRO C 173 7.79 -47.73 -26.67
N SER C 174 6.46 -47.86 -26.56
CA SER C 174 5.81 -49.15 -26.43
C SER C 174 5.45 -49.75 -27.79
N LEU C 175 6.17 -49.37 -28.85
CA LEU C 175 5.88 -49.86 -30.19
C LEU C 175 6.35 -51.31 -30.35
N VAL C 176 5.48 -52.26 -30.06
CA VAL C 176 5.80 -53.68 -30.19
C VAL C 176 4.47 -54.43 -30.23
N PHE C 177 4.50 -55.65 -30.78
CA PHE C 177 3.28 -56.43 -30.88
C PHE C 177 2.80 -56.89 -29.51
N ARG C 178 3.60 -57.74 -28.85
CA ARG C 178 3.28 -58.24 -27.51
C ARG C 178 1.87 -58.81 -27.45
N ASP C 179 1.49 -59.53 -28.50
CA ASP C 179 0.18 -60.18 -28.61
C ASP C 179 -0.96 -59.17 -28.46
N THR C 180 -0.77 -57.98 -29.03
CA THR C 180 -1.85 -57.01 -29.09
C THR C 180 -2.82 -57.38 -30.22
N ALA C 181 -3.80 -56.51 -30.45
CA ALA C 181 -4.79 -56.78 -31.49
C ALA C 181 -4.13 -56.82 -32.86
N ASN C 182 -3.68 -55.66 -33.35
CA ASN C 182 -2.95 -55.53 -34.62
C ASN C 182 -3.58 -56.35 -35.74
N LEU C 183 -4.90 -56.50 -35.70
CA LEU C 183 -5.64 -57.46 -36.54
C LEU C 183 -5.16 -58.89 -36.32
N VAL C 212 -2.19 -67.45 -18.83
CA VAL C 212 -2.63 -66.70 -20.00
C VAL C 212 -3.00 -65.27 -19.59
N GLY C 213 -3.96 -65.17 -18.68
CA GLY C 213 -4.40 -63.85 -18.24
C GLY C 213 -5.15 -63.10 -19.33
N TYR C 214 -5.22 -61.79 -19.17
CA TYR C 214 -5.87 -60.89 -20.13
C TYR C 214 -4.79 -60.00 -20.73
N SER C 215 -4.12 -60.50 -21.77
CA SER C 215 -3.01 -59.81 -22.41
C SER C 215 -1.98 -59.37 -21.37
N ARG C 216 -1.67 -60.27 -20.43
CA ARG C 216 -0.82 -59.94 -19.30
C ARG C 216 0.42 -60.82 -19.20
N HIS C 217 0.72 -61.61 -20.23
CA HIS C 217 1.96 -62.39 -20.22
C HIS C 217 3.17 -61.48 -20.17
N MET C 218 3.23 -60.49 -21.08
CA MET C 218 4.25 -59.46 -21.03
C MET C 218 3.71 -58.08 -21.38
N VAL C 219 2.41 -57.95 -21.62
CA VAL C 219 1.80 -56.69 -22.05
C VAL C 219 0.70 -56.29 -21.08
N VAL C 220 0.91 -56.58 -19.79
CA VAL C 220 -0.12 -56.39 -18.77
C VAL C 220 -0.59 -54.95 -18.64
N THR C 221 0.06 -54.01 -19.32
CA THR C 221 -0.33 -52.59 -19.33
C THR C 221 -0.44 -52.01 -17.93
N VAL C 222 0.41 -52.50 -17.02
CA VAL C 222 0.47 -51.91 -15.68
C VAL C 222 0.89 -50.45 -15.77
N THR C 223 1.92 -50.17 -16.56
CA THR C 223 2.35 -48.78 -16.76
C THR C 223 1.31 -47.98 -17.52
N ARG C 224 0.63 -48.61 -18.49
CA ARG C 224 -0.39 -47.91 -19.25
C ARG C 224 -1.54 -47.47 -18.35
N PHE C 225 -1.95 -48.34 -17.41
CA PHE C 225 -3.03 -47.99 -16.50
C PHE C 225 -2.57 -46.97 -15.47
N LEU C 226 -1.35 -47.14 -14.94
CA LEU C 226 -0.87 -46.23 -13.90
C LEU C 226 -0.66 -44.83 -14.44
N CYS C 227 0.05 -44.71 -15.57
CA CYS C 227 0.29 -43.39 -16.15
C CYS C 227 -0.96 -42.85 -16.83
N GLY C 228 -1.69 -43.70 -17.55
CA GLY C 228 -2.85 -43.24 -18.27
C GLY C 228 -3.98 -42.78 -17.37
N PHE C 229 -4.28 -43.55 -16.32
CA PHE C 229 -5.42 -43.27 -15.45
C PHE C 229 -5.00 -42.62 -14.13
N LEU C 230 -4.14 -43.28 -13.36
CA LEU C 230 -3.82 -42.79 -12.02
C LEU C 230 -3.11 -41.44 -12.08
N VAL C 231 -2.16 -41.29 -12.99
CA VAL C 231 -1.45 -40.01 -13.12
C VAL C 231 -2.38 -38.90 -13.59
N PRO C 232 -3.21 -39.08 -14.62
CA PRO C 232 -4.04 -37.95 -15.08
C PRO C 232 -5.19 -37.63 -14.16
N VAL C 233 -5.90 -38.64 -13.66
CA VAL C 233 -7.08 -38.38 -12.84
C VAL C 233 -6.69 -37.71 -11.53
N LEU C 234 -5.65 -38.21 -10.87
CA LEU C 234 -5.24 -37.64 -9.59
C LEU C 234 -4.77 -36.21 -9.73
N ILE C 235 -4.00 -35.92 -10.78
CA ILE C 235 -3.51 -34.56 -11.00
C ILE C 235 -4.67 -33.61 -11.26
N ILE C 236 -5.61 -34.03 -12.11
CA ILE C 236 -6.72 -33.16 -12.47
C ILE C 236 -7.68 -32.99 -11.29
N THR C 237 -7.95 -34.07 -10.55
CA THR C 237 -8.98 -34.03 -9.52
C THR C 237 -8.64 -33.01 -8.43
N ALA C 238 -7.40 -33.03 -7.94
CA ALA C 238 -7.00 -32.07 -6.91
C ALA C 238 -6.83 -30.67 -7.47
N CYS C 239 -6.62 -30.56 -8.78
CA CYS C 239 -6.32 -29.25 -9.37
C CYS C 239 -7.54 -28.34 -9.37
N TYR C 240 -8.69 -28.86 -9.80
CA TYR C 240 -9.91 -28.04 -9.74
C TYR C 240 -10.48 -28.01 -8.33
N LEU C 241 -10.18 -29.02 -7.52
CA LEU C 241 -10.61 -29.00 -6.12
C LEU C 241 -9.96 -27.83 -5.36
N THR C 242 -8.69 -27.57 -5.62
CA THR C 242 -8.05 -26.40 -5.04
C THR C 242 -8.49 -25.12 -5.74
N ILE C 243 -8.84 -25.20 -7.02
CA ILE C 243 -9.30 -24.02 -7.75
C ILE C 243 -10.63 -23.55 -7.17
N VAL C 244 -11.56 -24.47 -6.95
CA VAL C 244 -12.84 -24.09 -6.36
C VAL C 244 -12.68 -23.71 -4.90
N CYS C 245 -11.72 -24.33 -4.20
CA CYS C 245 -11.47 -23.96 -2.81
C CYS C 245 -10.93 -22.55 -2.69
N LYS C 246 -9.96 -22.18 -3.56
CA LYS C 246 -9.44 -20.83 -3.54
C LYS C 246 -10.50 -19.82 -3.96
N LEU C 247 -11.37 -20.20 -4.90
CA LEU C 247 -12.46 -19.31 -5.31
C LEU C 247 -13.42 -19.05 -4.16
N GLN C 248 -13.73 -20.09 -3.38
CA GLN C 248 -14.62 -19.91 -2.23
C GLN C 248 -13.98 -19.01 -1.19
N ARG C 249 -12.69 -19.17 -0.92
CA ARG C 249 -12.02 -18.34 0.06
C ARG C 249 -11.98 -16.88 -0.37
N ASN C 250 -11.74 -16.63 -1.66
CA ASN C 250 -11.78 -15.25 -2.17
C ASN C 250 -13.19 -14.70 -1.93
N ALA C 251 -14.21 -15.36 -2.49
CA ALA C 251 -15.60 -14.89 -2.34
C ALA C 251 -15.95 -14.75 -0.85
N ARG C 252 -15.54 -15.73 -0.04
CA ARG C 252 -15.84 -15.70 1.42
C ARG C 252 -15.23 -14.42 2.01
N ARG C 253 -14.00 -14.10 1.62
CA ARG C 253 -13.29 -12.91 2.18
C ARG C 253 -13.99 -11.63 1.71
N GLN C 254 -15.00 -11.75 0.84
CA GLN C 254 -15.65 -10.55 0.32
C GLN C 254 -17.04 -10.36 0.94
N LEU C 255 -17.81 -11.44 1.06
CA LEU C 255 -19.13 -11.34 1.67
C LEU C 255 -19.03 -10.95 3.14
N ALA C 256 -18.06 -11.50 3.87
CA ALA C 256 -17.90 -11.16 5.27
C ALA C 256 -17.53 -9.70 5.46
N ASP C 257 -16.62 -9.18 4.62
CA ASP C 257 -16.23 -7.79 4.74
C ASP C 257 -17.41 -6.85 4.46
N LEU C 258 -18.17 -7.14 3.40
CA LEU C 258 -19.35 -6.33 3.12
C LEU C 258 -20.40 -6.48 4.21
N GLU C 259 -20.58 -7.69 4.74
CA GLU C 259 -21.52 -7.88 5.84
C GLU C 259 -21.06 -7.13 7.09
N ASP C 260 -19.75 -7.12 7.36
CA ASP C 260 -19.24 -6.33 8.47
C ASP C 260 -19.47 -4.84 8.24
N ASN C 261 -19.21 -4.37 7.02
CA ASN C 261 -19.46 -2.97 6.70
C ASN C 261 -20.97 -2.69 6.68
N TRP C 262 -21.78 -3.65 6.26
CA TRP C 262 -23.22 -3.50 6.35
C TRP C 262 -23.68 -3.43 7.79
N GLU C 263 -23.10 -4.26 8.66
CA GLU C 263 -23.54 -4.30 10.06
C GLU C 263 -23.25 -2.98 10.77
N THR C 264 -22.07 -2.40 10.55
CA THR C 264 -21.73 -1.15 11.24
C THR C 264 -22.53 0.02 10.70
N LEU C 265 -22.89 -0.01 9.41
CA LEU C 265 -23.77 1.02 8.88
C LEU C 265 -25.14 0.97 9.52
N ASN C 266 -25.69 -0.24 9.68
CA ASN C 266 -27.00 -0.39 10.30
C ASN C 266 -26.94 -0.08 11.79
N ASP C 267 -25.92 -0.60 12.47
CA ASP C 267 -25.82 -0.39 13.92
C ASP C 267 -25.64 1.08 14.26
N ASN C 268 -24.80 1.80 13.52
CA ASN C 268 -24.57 3.20 13.80
C ASN C 268 -25.74 4.09 13.40
N LEU C 269 -26.64 3.59 12.55
CA LEU C 269 -27.73 4.43 12.08
C LEU C 269 -28.82 4.58 13.14
N LYS C 270 -29.09 3.53 13.92
CA LYS C 270 -30.09 3.63 14.97
C LYS C 270 -29.65 4.56 16.09
N VAL C 271 -28.34 4.59 16.39
CA VAL C 271 -27.83 5.51 17.40
C VAL C 271 -28.09 6.96 17.00
N ILE C 272 -27.84 7.28 15.74
CA ILE C 272 -28.11 8.62 15.23
C ILE C 272 -29.60 8.94 15.33
N GLU C 273 -30.46 7.99 14.95
CA GLU C 273 -31.89 8.21 15.02
C GLU C 273 -32.38 8.38 16.46
N LYS C 274 -31.59 7.89 17.43
CA LYS C 274 -31.88 8.08 18.84
C LYS C 274 -30.88 9.05 19.49
N ALA C 275 -30.27 9.92 18.68
CA ALA C 275 -29.29 10.85 19.21
C ALA C 275 -29.93 11.88 20.12
N ASP C 276 -29.17 12.31 21.13
CA ASP C 276 -29.61 13.35 22.05
C ASP C 276 -28.82 14.65 21.91
N ASN C 277 -27.54 14.57 21.54
CA ASN C 277 -26.72 15.76 21.36
C ASN C 277 -25.72 15.52 20.24
N ALA C 278 -25.09 16.61 19.80
CA ALA C 278 -24.12 16.53 18.70
C ALA C 278 -22.83 15.83 19.12
N ALA C 279 -22.63 15.59 20.42
CA ALA C 279 -21.42 14.92 20.87
C ALA C 279 -21.34 13.49 20.34
N GLN C 280 -22.47 12.80 20.27
CA GLN C 280 -22.50 11.42 19.81
C GLN C 280 -22.88 11.28 18.35
N VAL C 281 -23.69 12.20 17.81
CA VAL C 281 -24.13 12.07 16.43
C VAL C 281 -22.98 12.38 15.48
N LYS C 282 -21.98 13.14 15.92
CA LYS C 282 -20.77 13.32 15.12
C LYS C 282 -19.87 12.09 15.22
N ASP C 283 -19.79 11.49 16.40
CA ASP C 283 -18.94 10.31 16.57
C ASP C 283 -19.50 9.11 15.82
N ALA C 284 -20.83 8.94 15.83
CA ALA C 284 -21.43 7.82 15.12
C ALA C 284 -21.22 7.96 13.61
N LEU C 285 -21.35 9.17 13.08
CA LEU C 285 -21.18 9.38 11.65
C LEU C 285 -19.73 9.20 11.22
N THR C 286 -18.79 9.52 12.11
CA THR C 286 -17.38 9.32 11.78
C THR C 286 -17.06 7.86 11.55
N LYS C 287 -17.69 6.97 12.33
CA LYS C 287 -17.49 5.54 12.13
C LYS C 287 -18.20 5.06 10.85
N MET C 288 -19.36 5.65 10.54
CA MET C 288 -20.09 5.21 9.35
C MET C 288 -19.44 5.72 8.07
N ARG C 289 -18.82 6.89 8.12
CA ARG C 289 -18.07 7.37 6.97
C ARG C 289 -16.84 6.50 6.71
N ALA C 290 -16.17 6.06 7.78
CA ALA C 290 -14.97 5.23 7.62
C ALA C 290 -15.32 3.87 7.04
N ALA C 291 -16.51 3.35 7.36
CA ALA C 291 -16.93 2.07 6.83
C ALA C 291 -17.29 2.18 5.35
N ALA C 292 -17.98 3.26 4.96
CA ALA C 292 -18.36 3.43 3.57
C ALA C 292 -17.14 3.57 2.68
N LEU C 293 -16.12 4.29 3.13
CA LEU C 293 -14.88 4.40 2.36
C LEU C 293 -14.20 3.05 2.22
N ASP C 294 -14.19 2.26 3.29
CA ASP C 294 -13.56 0.94 3.23
C ASP C 294 -14.34 -0.01 2.32
N ALA C 295 -15.68 0.03 2.39
CA ALA C 295 -16.49 -0.86 1.58
C ALA C 295 -16.37 -0.54 0.09
N GLN C 296 -16.10 0.71 -0.26
CA GLN C 296 -15.97 1.08 -1.66
C GLN C 296 -14.76 0.40 -2.30
N LYS C 297 -13.65 0.30 -1.56
CA LYS C 297 -12.48 -0.38 -2.09
C LYS C 297 -12.74 -1.87 -2.30
N ALA C 298 -13.47 -2.49 -1.38
CA ALA C 298 -13.71 -3.93 -1.46
C ALA C 298 -14.64 -4.26 -2.63
N THR C 299 -14.32 -5.35 -3.32
CA THR C 299 -15.15 -5.79 -4.43
C THR C 299 -16.47 -6.36 -3.92
N PRO C 300 -17.55 -6.24 -4.71
CA PRO C 300 -18.82 -6.84 -4.30
C PRO C 300 -18.72 -8.36 -4.32
N PRO C 301 -19.57 -9.05 -3.55
CA PRO C 301 -19.48 -10.53 -3.53
C PRO C 301 -19.78 -11.16 -4.88
N LYS C 302 -20.94 -10.86 -5.48
CA LYS C 302 -21.28 -11.31 -6.80
C LYS C 302 -21.23 -10.15 -7.78
N LEU C 303 -21.54 -10.44 -9.05
CA LEU C 303 -21.42 -9.48 -10.14
C LEU C 303 -20.00 -8.92 -10.24
N GLU C 304 -19.04 -9.69 -9.75
CA GLU C 304 -17.63 -9.30 -9.72
C GLU C 304 -16.93 -9.79 -10.96
N ASP C 305 -15.59 -9.77 -10.94
CA ASP C 305 -14.64 -10.22 -11.95
C ASP C 305 -14.68 -9.40 -13.24
N LYS C 306 -15.54 -8.39 -13.33
CA LYS C 306 -15.52 -7.51 -14.48
C LYS C 306 -14.38 -6.50 -14.36
N SER C 307 -14.10 -5.82 -15.47
CA SER C 307 -12.99 -4.88 -15.50
C SER C 307 -13.28 -3.69 -14.57
N PRO C 308 -12.23 -3.13 -13.96
CA PRO C 308 -12.46 -1.97 -13.06
C PRO C 308 -13.10 -0.79 -13.75
N ASP C 309 -12.85 -0.58 -15.04
CA ASP C 309 -13.42 0.53 -15.79
C ASP C 309 -14.76 0.18 -16.42
N SER C 310 -15.29 -1.01 -16.15
CA SER C 310 -16.58 -1.39 -16.70
C SER C 310 -17.68 -0.50 -16.11
N PRO C 311 -18.73 -0.21 -16.89
CA PRO C 311 -19.80 0.65 -16.38
C PRO C 311 -20.43 0.15 -15.09
N GLU C 312 -20.58 -1.17 -14.93
CA GLU C 312 -21.18 -1.70 -13.71
C GLU C 312 -20.30 -1.42 -12.50
N MET C 313 -18.99 -1.59 -12.64
CA MET C 313 -18.08 -1.24 -11.55
C MET C 313 -18.13 0.26 -11.25
N LYS C 314 -18.17 1.09 -12.29
CA LYS C 314 -18.31 2.54 -12.08
C LYS C 314 -19.67 2.85 -11.49
N ASP C 315 -20.70 2.06 -11.83
CA ASP C 315 -22.02 2.27 -11.27
C ASP C 315 -22.02 1.94 -9.78
N PHE C 316 -21.33 0.86 -9.39
CA PHE C 316 -21.23 0.52 -7.99
C PHE C 316 -20.39 1.55 -7.22
N ARG C 317 -19.25 1.94 -7.79
CA ARG C 317 -18.38 2.88 -7.09
C ARG C 317 -19.08 4.23 -6.91
N HIS C 318 -19.78 4.71 -7.93
CA HIS C 318 -20.52 5.96 -7.80
C HIS C 318 -21.65 5.82 -6.79
N GLY C 319 -22.10 4.59 -6.52
CA GLY C 319 -23.12 4.39 -5.51
C GLY C 319 -22.62 4.72 -4.12
N PHE C 320 -21.31 4.62 -3.90
CA PHE C 320 -20.73 5.01 -2.63
C PHE C 320 -20.17 6.42 -2.65
N ASP C 321 -19.94 7.00 -3.82
CA ASP C 321 -19.54 8.41 -3.89
C ASP C 321 -20.71 9.34 -3.56
N ILE C 322 -21.94 8.83 -3.59
CA ILE C 322 -23.09 9.62 -3.16
C ILE C 322 -23.47 9.29 -1.71
N LEU C 323 -23.28 8.04 -1.28
CA LEU C 323 -23.54 7.68 0.12
C LEU C 323 -22.63 8.46 1.06
N VAL C 324 -21.34 8.53 0.74
CA VAL C 324 -20.42 9.34 1.53
C VAL C 324 -20.78 10.82 1.41
N GLY C 325 -21.24 11.24 0.22
CA GLY C 325 -21.69 12.62 0.06
C GLY C 325 -22.85 12.95 0.97
N GLN C 326 -23.75 11.99 1.17
CA GLN C 326 -24.84 12.20 2.12
C GLN C 326 -24.34 12.16 3.56
N ILE C 327 -23.23 11.46 3.81
CA ILE C 327 -22.63 11.46 5.14
C ILE C 327 -22.01 12.82 5.43
N ASP C 328 -21.27 13.37 4.46
CA ASP C 328 -20.66 14.68 4.67
C ASP C 328 -21.71 15.75 4.90
N ASP C 329 -22.81 15.72 4.13
CA ASP C 329 -23.88 16.69 4.33
C ASP C 329 -24.54 16.52 5.69
N ALA C 330 -24.74 15.28 6.12
CA ALA C 330 -25.33 15.04 7.43
C ALA C 330 -24.35 15.40 8.55
N LEU C 331 -23.06 15.13 8.35
CA LEU C 331 -22.08 15.44 9.39
C LEU C 331 -21.78 16.92 9.44
N LYS C 332 -21.75 17.59 8.28
CA LYS C 332 -21.49 19.03 8.26
C LYS C 332 -22.59 19.79 8.97
N LEU C 333 -23.84 19.37 8.81
CA LEU C 333 -24.95 20.04 9.47
C LEU C 333 -24.99 19.69 10.96
N ALA C 334 -24.34 18.60 11.35
CA ALA C 334 -24.25 18.25 12.77
C ALA C 334 -23.08 18.94 13.45
N ASN C 335 -22.14 19.48 12.69
CA ASN C 335 -21.01 20.20 13.28
C ASN C 335 -21.39 21.59 13.76
N GLU C 336 -22.40 22.22 13.14
CA GLU C 336 -22.80 23.56 13.53
C GLU C 336 -23.33 23.59 14.96
N GLY C 337 -24.09 22.57 15.35
CA GLY C 337 -24.58 22.49 16.71
C GLY C 337 -25.99 21.95 16.82
N LYS C 338 -26.79 22.10 15.76
CA LYS C 338 -28.15 21.61 15.76
C LYS C 338 -28.17 20.13 15.39
N VAL C 339 -29.06 19.37 16.04
CA VAL C 339 -29.13 17.94 15.83
C VAL C 339 -30.48 17.48 15.31
N LYS C 340 -31.55 18.26 15.48
CA LYS C 340 -32.86 17.85 14.98
C LYS C 340 -32.84 17.67 13.47
N GLU C 341 -31.98 18.42 12.78
CA GLU C 341 -31.84 18.28 11.33
C GLU C 341 -30.95 17.12 10.94
N ALA C 342 -30.05 16.69 11.82
CA ALA C 342 -29.12 15.62 11.48
C ALA C 342 -29.84 14.30 11.23
N GLN C 343 -30.88 14.02 12.00
CA GLN C 343 -31.62 12.78 11.79
C GLN C 343 -32.31 12.78 10.43
N ALA C 344 -32.89 13.92 10.03
CA ALA C 344 -33.56 14.00 8.74
C ALA C 344 -32.59 13.73 7.59
N ALA C 345 -31.38 14.30 7.67
CA ALA C 345 -30.37 14.02 6.66
C ALA C 345 -29.92 12.57 6.72
N ALA C 346 -29.82 12.00 7.93
CA ALA C 346 -29.51 10.58 8.05
C ALA C 346 -30.69 9.73 7.62
N GLU C 347 -31.92 10.19 7.86
CA GLU C 347 -33.10 9.43 7.45
C GLU C 347 -33.15 9.28 5.93
N GLN C 348 -32.91 10.38 5.21
CA GLN C 348 -32.90 10.31 3.76
C GLN C 348 -31.72 9.50 3.22
N LEU C 349 -30.71 9.23 4.05
CA LEU C 349 -29.67 8.29 3.67
C LEU C 349 -30.20 6.86 3.68
N LYS C 350 -31.11 6.56 4.60
CA LYS C 350 -31.67 5.21 4.68
C LYS C 350 -32.49 4.88 3.44
N THR C 351 -33.30 5.82 2.95
CA THR C 351 -34.19 5.51 1.85
C THR C 351 -33.44 5.28 0.55
N THR C 352 -32.25 5.87 0.40
CA THR C 352 -31.45 5.62 -0.80
C THR C 352 -30.49 4.46 -0.63
N ARG C 353 -30.15 4.11 0.61
CA ARG C 353 -29.23 2.99 0.84
C ARG C 353 -29.95 1.65 0.69
N ASN C 354 -31.26 1.62 0.92
CA ASN C 354 -32.00 0.38 0.76
C ASN C 354 -32.55 0.22 -0.65
N ALA C 355 -32.88 1.32 -1.33
CA ALA C 355 -33.51 1.23 -2.64
C ALA C 355 -32.51 0.78 -3.71
N TYR C 356 -31.25 1.19 -3.60
CA TYR C 356 -30.27 0.93 -4.63
C TYR C 356 -29.13 0.05 -4.14
N ILE C 357 -28.47 0.40 -3.04
CA ILE C 357 -27.36 -0.42 -2.55
C ILE C 357 -27.85 -1.79 -2.09
N GLN C 358 -28.93 -1.81 -1.28
CA GLN C 358 -29.43 -3.08 -0.77
C GLN C 358 -29.97 -3.96 -1.91
N LYS C 359 -30.63 -3.34 -2.89
CA LYS C 359 -31.08 -4.10 -4.06
C LYS C 359 -29.91 -4.69 -4.82
N TYR C 360 -28.79 -3.95 -4.90
CA TYR C 360 -27.61 -4.46 -5.58
C TYR C 360 -27.08 -5.71 -4.89
N LEU C 361 -26.94 -5.68 -3.56
CA LEU C 361 -26.46 -6.84 -2.83
C LEU C 361 -27.51 -7.94 -2.72
N GLU C 362 -28.79 -7.58 -2.84
CA GLU C 362 -29.83 -8.61 -2.87
C GLU C 362 -29.67 -9.51 -4.09
N ARG C 363 -29.38 -8.91 -5.24
CA ARG C 363 -29.05 -9.69 -6.44
C ARG C 363 -27.63 -10.22 -6.43
N ALA C 364 -26.80 -9.78 -5.50
CA ALA C 364 -25.44 -10.26 -5.37
C ALA C 364 -25.40 -11.46 -4.42
N ARG C 365 -24.21 -11.83 -3.98
CA ARG C 365 -24.00 -13.01 -3.11
C ARG C 365 -24.56 -14.27 -3.76
N SER C 366 -24.35 -14.40 -5.06
CA SER C 366 -24.82 -15.57 -5.81
C SER C 366 -23.85 -16.73 -5.66
N LYS C 370 -18.12 -21.74 -9.34
CA LYS C 370 -19.06 -22.78 -9.73
C LYS C 370 -18.52 -23.60 -10.90
N LYS C 371 -18.57 -23.02 -12.10
CA LYS C 371 -18.08 -23.67 -13.30
C LYS C 371 -17.19 -22.69 -14.06
N PRO C 372 -16.19 -23.19 -14.78
CA PRO C 372 -15.34 -22.31 -15.57
C PRO C 372 -16.09 -21.76 -16.78
N ASP C 373 -15.62 -20.60 -17.27
CA ASP C 373 -16.26 -19.94 -18.40
C ASP C 373 -16.12 -20.75 -19.70
N LYS C 374 -15.22 -21.71 -19.76
CA LYS C 374 -15.02 -22.54 -20.94
C LYS C 374 -15.56 -23.93 -20.70
N ILE C 375 -15.36 -24.80 -21.69
CA ILE C 375 -15.80 -26.19 -21.61
C ILE C 375 -14.63 -27.12 -21.30
N ILE C 376 -13.56 -26.60 -20.68
CA ILE C 376 -12.41 -27.41 -20.36
C ILE C 376 -12.77 -28.51 -19.37
N VAL C 377 -13.67 -28.22 -18.44
CA VAL C 377 -14.15 -29.26 -17.53
C VAL C 377 -14.93 -30.32 -18.30
N THR C 378 -15.67 -29.91 -19.34
CA THR C 378 -16.48 -30.86 -20.08
C THR C 378 -15.63 -31.85 -20.87
N ILE C 379 -14.61 -31.34 -21.58
CA ILE C 379 -13.77 -32.24 -22.37
C ILE C 379 -12.96 -33.16 -21.46
N ILE C 380 -12.47 -32.64 -20.33
CA ILE C 380 -11.71 -33.48 -19.40
C ILE C 380 -12.61 -34.56 -18.80
N ILE C 381 -13.84 -34.20 -18.43
CA ILE C 381 -14.75 -35.18 -17.86
C ILE C 381 -15.11 -36.26 -18.87
N THR C 382 -15.36 -35.86 -20.13
CA THR C 382 -15.77 -36.84 -21.14
C THR C 382 -14.64 -37.81 -21.45
N PHE C 383 -13.41 -37.31 -21.58
CA PHE C 383 -12.30 -38.19 -21.92
C PHE C 383 -12.04 -39.23 -20.83
N PHE C 384 -12.00 -38.80 -19.57
CA PHE C 384 -11.71 -39.73 -18.49
C PHE C 384 -12.86 -40.72 -18.27
N LEU C 385 -14.07 -40.38 -18.72
CA LEU C 385 -15.22 -41.26 -18.57
C LEU C 385 -15.42 -42.20 -19.74
N CYS C 386 -14.66 -42.05 -20.82
CA CYS C 386 -14.79 -42.89 -22.00
C CYS C 386 -13.57 -43.76 -22.28
N TRP C 387 -12.39 -43.36 -21.81
CA TRP C 387 -11.19 -44.15 -22.01
C TRP C 387 -10.82 -45.00 -20.81
N CYS C 388 -11.24 -44.61 -19.61
CA CYS C 388 -11.12 -45.51 -18.47
C CYS C 388 -11.89 -46.81 -18.67
N PRO C 389 -13.14 -46.81 -19.17
CA PRO C 389 -13.77 -48.08 -19.54
C PRO C 389 -13.03 -48.84 -20.63
N TYR C 390 -12.30 -48.15 -21.50
CA TYR C 390 -11.51 -48.84 -22.52
C TYR C 390 -10.47 -49.75 -21.88
N HIS C 391 -9.77 -49.26 -20.87
CA HIS C 391 -8.80 -50.06 -20.13
C HIS C 391 -9.44 -50.87 -19.02
N THR C 392 -10.73 -50.65 -18.72
CA THR C 392 -11.41 -51.45 -17.72
C THR C 392 -11.50 -52.91 -18.15
N LEU C 393 -11.82 -53.15 -19.42
CA LEU C 393 -11.85 -54.50 -19.96
C LEU C 393 -10.46 -55.03 -20.31
N ASN C 394 -9.43 -54.19 -20.23
CA ASN C 394 -8.08 -54.64 -20.55
C ASN C 394 -7.63 -55.74 -19.59
N LEU C 395 -7.73 -55.52 -18.29
CA LEU C 395 -7.33 -56.49 -17.29
C LEU C 395 -8.50 -57.07 -16.52
N LEU C 396 -9.74 -56.85 -16.99
CA LEU C 396 -10.90 -57.39 -16.30
C LEU C 396 -10.89 -58.91 -16.30
N GLU C 397 -10.54 -59.52 -17.43
CA GLU C 397 -10.49 -60.97 -17.51
C GLU C 397 -9.35 -61.51 -16.64
N LEU C 398 -9.61 -62.65 -15.99
CA LEU C 398 -8.66 -63.28 -15.11
C LEU C 398 -8.50 -64.75 -15.48
N HIS C 399 -7.31 -65.29 -15.25
CA HIS C 399 -7.03 -66.69 -15.56
C HIS C 399 -7.82 -67.63 -14.66
N VAL C 407 -15.29 -65.70 -23.34
CA VAL C 407 -16.48 -65.71 -22.51
C VAL C 407 -16.89 -64.29 -22.14
N PHE C 408 -18.05 -63.87 -22.63
CA PHE C 408 -18.59 -62.53 -22.38
C PHE C 408 -17.59 -61.46 -22.79
N SER C 409 -16.92 -61.68 -23.92
CA SER C 409 -15.94 -60.74 -24.45
C SER C 409 -16.62 -59.71 -25.36
N LEU C 410 -17.44 -58.87 -24.73
CA LEU C 410 -18.18 -57.83 -25.43
C LEU C 410 -17.41 -56.51 -25.51
N GLY C 411 -16.19 -56.48 -24.98
CA GLY C 411 -15.38 -55.28 -25.05
C GLY C 411 -14.69 -55.04 -26.37
N LEU C 412 -14.78 -55.98 -27.30
CA LEU C 412 -14.18 -55.84 -28.62
C LEU C 412 -15.01 -54.94 -29.53
N PRO C 413 -16.31 -55.19 -29.74
CA PRO C 413 -17.06 -54.29 -30.63
C PRO C 413 -17.14 -52.87 -30.12
N LEU C 414 -17.23 -52.68 -28.80
CA LEU C 414 -17.29 -51.35 -28.21
C LEU C 414 -15.93 -50.71 -28.03
N ALA C 415 -14.85 -51.42 -28.35
CA ALA C 415 -13.50 -50.90 -28.17
C ALA C 415 -13.25 -49.67 -29.03
N THR C 416 -13.53 -49.77 -30.32
CA THR C 416 -13.33 -48.63 -31.21
C THR C 416 -14.39 -47.55 -31.01
N ALA C 417 -15.62 -47.95 -30.68
CA ALA C 417 -16.70 -46.99 -30.54
C ALA C 417 -16.46 -46.02 -29.39
N LEU C 418 -15.95 -46.52 -28.26
CA LEU C 418 -15.71 -45.67 -27.10
C LEU C 418 -14.68 -44.60 -27.41
N ALA C 419 -13.59 -44.97 -28.07
CA ALA C 419 -12.55 -44.00 -28.38
C ALA C 419 -12.97 -43.07 -29.53
N ILE C 420 -13.72 -43.60 -30.48
CA ILE C 420 -14.17 -42.79 -31.62
C ILE C 420 -15.13 -41.71 -31.15
N ALA C 421 -15.95 -42.01 -30.14
CA ALA C 421 -16.88 -41.02 -29.61
C ALA C 421 -16.13 -39.82 -29.03
N ASN C 422 -15.03 -40.07 -28.30
CA ASN C 422 -14.24 -38.98 -27.76
C ASN C 422 -13.64 -38.12 -28.86
N SER C 423 -13.08 -38.76 -29.90
CA SER C 423 -12.55 -38.00 -31.02
C SER C 423 -13.66 -37.23 -31.72
N CYS C 424 -14.83 -37.85 -31.88
CA CYS C 424 -15.98 -37.15 -32.43
C CYS C 424 -16.55 -36.12 -31.45
N MET C 425 -16.26 -36.26 -30.16
CA MET C 425 -16.68 -35.26 -29.18
C MET C 425 -15.73 -34.09 -29.07
N ASN C 426 -14.52 -34.21 -29.63
CA ASN C 426 -13.55 -33.12 -29.56
C ASN C 426 -14.02 -31.87 -30.30
N PRO C 427 -14.54 -31.94 -31.54
CA PRO C 427 -14.88 -30.69 -32.23
C PRO C 427 -16.20 -30.08 -31.78
N ILE C 428 -17.16 -30.90 -31.35
CA ILE C 428 -18.41 -30.33 -30.86
C ILE C 428 -18.18 -29.62 -29.53
N LEU C 429 -17.34 -30.19 -28.66
CA LEU C 429 -17.00 -29.52 -27.42
C LEU C 429 -16.29 -28.19 -27.67
N TYR C 430 -15.39 -28.16 -28.64
CA TYR C 430 -14.74 -26.91 -29.02
C TYR C 430 -15.76 -25.92 -29.56
N VAL C 431 -16.69 -26.38 -30.40
CA VAL C 431 -17.76 -25.51 -30.90
C VAL C 431 -18.65 -25.07 -29.76
N PHE C 432 -18.99 -25.99 -28.85
CA PHE C 432 -19.82 -25.63 -27.70
C PHE C 432 -19.11 -24.63 -26.80
N MET C 433 -17.79 -24.80 -26.62
CA MET C 433 -17.04 -23.83 -25.83
C MET C 433 -17.06 -22.45 -26.47
N GLY C 434 -16.89 -22.39 -27.79
CA GLY C 434 -17.00 -21.11 -28.48
C GLY C 434 -18.41 -20.56 -28.46
N GLN C 435 -19.40 -21.44 -28.61
CA GLN C 435 -20.82 -21.06 -28.62
C GLN C 435 -21.12 -20.02 -29.68
N HIS D 1 -5.77 -55.19 -24.15
CA HIS D 1 -6.14 -53.87 -24.67
C HIS D 1 -7.44 -53.96 -25.45
N DTR D 2 -7.31 -54.03 -26.78
CA DTR D 2 -8.51 -54.08 -27.67
CB DTR D 2 -8.24 -53.25 -28.94
CG DTR D 2 -9.39 -53.15 -29.88
CD1 DTR D 2 -9.89 -52.01 -30.46
NE1 DTR D 2 -10.94 -52.31 -31.28
CE2 DTR D 2 -11.16 -53.67 -31.25
CZ2 DTR D 2 -12.10 -54.44 -31.92
CH2 DTR D 2 -12.08 -55.80 -31.70
CZ3 DTR D 2 -11.14 -56.39 -30.84
CE3 DTR D 2 -10.21 -55.62 -30.19
CD2 DTR D 2 -10.19 -54.24 -30.39
C DTR D 2 -9.75 -53.60 -26.92
O DTR D 2 -10.76 -54.33 -26.95
#